data_6WUC
#
_entry.id   6WUC
#
_cell.length_a   1.00
_cell.length_b   1.00
_cell.length_c   1.00
_cell.angle_alpha   90.00
_cell.angle_beta   90.00
_cell.angle_gamma   90.00
#
_symmetry.space_group_name_H-M   'P 1'
#
loop_
_entity.id
_entity.type
_entity.pdbx_description
1 polymer 'Inner kinetochore subunit MCM16'
2 polymer 'Inner kinetochore subunit CTF3'
3 polymer 'Inner kinetochore subunit MCM22'
4 polymer 'Inner kinetochore subunit WIP1'
5 polymer 'Inner kinetochore subunit CNN1'
#
loop_
_entity_poly.entity_id
_entity_poly.type
_entity_poly.pdbx_seq_one_letter_code
_entity_poly.pdbx_strand_id
1 'polypeptide(L)'
;SNAMTNSSEKQWERIQQLEKEHVEVYRELLITLDRLYLIRKHNHAVILSHTQQRLLEIRHQLQINLEKTALLIRLLEKPD
NTNVLFTKLQNLLEESNSLDYELLQSLGAQSSLHKQLIESRAERDELMSKLIELSSKFPKPTIPPDDSDTAGKQVEVEKE
NETIQELMIALQIHSGYTNISYTI
;
H
2 'polypeptide(L)'
;SNAMSLILDDIILSLTNANERTPPQALKTTLSLLYEKSKQYGLSSPQLQALVRLLCETSIIDTVTKVYIVENCFLPDGYL
TKELLLEIINHLGTPTVFSRYRIQTPPVLQSALCKWLVHVYFLFPVHSEREHNISSSIWLHLWQFSFLQKWITPLVIWQA
TTPVDVKPWKLSIIKRCAMHPGYRDAPGSATLILQRFQCLVGASSQITESIITINCNRKTLKSHRNLKLDAHFLSILKRI
LSRAHPANFPADTVQNTIDMYLSEIHQLGADSIYPLRLQSLPEYVPSDSTVSLWDVTSLEQLAQNWPQLHIPNDVDYMMK
PSLNSNVLLPRKVMSRDSLKHLYSSIILIKNSRDESSSPYEWCIWQLKRCFAHQIETPQEVIPIIISVSSMDNKLSSRII
QTFCNLKYLKLDELTLKKVCGGILPLWKPELISGTREFFVKFMASIFMWSTRDGHDNNCTFSETCFYVLQMITNWVLDDK
LIALGLTLLHDMQSLLTLDKIFNNATSNRFSTMAFISSLDILTQLSKQTKSDYAIQYLIVGPDIMNKVFSSDDPLLLSAA
CRYLVATKNKLMQYPSTNKFVRMQNQYIMDLTNYLYRNKVLSSKSLFGVSPDFFKQILENLYIPTADFKNAKFFTITGIP
ALSYICIIILRRLETAENTKIKFTSGIINEETFNNFFRVHHDEIGQHGWIKGVNNIHDLRVKILMHLSNTANPYRDIAAF
LFTYLKSLSKYSVQNS
;
I
3 'polypeptide(L)'
;SNAMDVEKDVLDVYIKNLENQIGNKRYFLKQAQGAIDEITKRSLDTEGKPVNSEVFTELLRKPMFFSERADPIGFSLTSN
FLSLRAQSSSEWLSLMNDQSVDQKAMLLLQNNINSDLKELLRKLQHQMTIMDSKKQDHAHIRTRKARNKELWDSLADFLK
GYLVPNLDDNDESIDSLTNEVMLLMKRLIEHDLNLTLNDFSSKTIPIYRLLLRANIITVIEGSTNPGTKYIKLIDFNETS
LT
;
K
4 'polypeptide(L)'
;SNAMDTEALANYLLRQLSLDAEENKLEDLLQRQNEDQESSQEYNKKLLLACGFQAILRKILLDARTRATAEGLREVYPYH
IEAATQAFLDSQ
;
W
5 'polypeptide(L)'
;MSTPRKAAGNNENTEVSEIRTPFRERALEEQRLKDEVLIRNTPGYRKLLSASTKSHDILNKDPNEVRSFLQDLSQVLARK
SQGNDTTTNKTQARNLIDELAYEESQPEENELLRSRSEKLTDNNIGNETQPDYTSLSQTVFAKLQERDKGLKSRKIDPII
IQDVPTTGHEDELTVHSPDKANSISMEVLRTSPSIGMDQVDEPPVRDPVPISITQQEEPLSEDLPSDDKEETEEAENEDY
SFENTSDENLDDIGNDPIRLNVPAVRRSSIKPLQIMDLKHLTRQFLNENRIILPKQTWSTIQEESLNIMDFLKQKIGTLQ
KQELVDSFIDMGIINNVDDMFELAHELLPLELQSRIESYLF
;
T
#
# COMPACT_ATOMS: atom_id res chain seq x y z
N ASN A 6 -20.77 2.76 -45.14
CA ASN A 6 -19.42 2.54 -45.64
C ASN A 6 -19.32 1.24 -46.43
N SER A 7 -19.60 1.32 -47.72
CA SER A 7 -19.55 0.14 -48.57
C SER A 7 -18.13 -0.44 -48.63
N SER A 8 -17.15 0.42 -48.89
CA SER A 8 -15.78 -0.06 -49.08
C SER A 8 -15.23 -0.70 -47.82
N GLU A 9 -15.70 -0.28 -46.64
CA GLU A 9 -15.18 -0.88 -45.41
C GLU A 9 -15.73 -2.29 -45.21
N LYS A 10 -17.01 -2.50 -45.50
CA LYS A 10 -17.54 -3.86 -45.52
C LYS A 10 -16.82 -4.70 -46.57
N GLN A 11 -16.52 -4.10 -47.72
CA GLN A 11 -15.78 -4.78 -48.77
C GLN A 11 -14.43 -5.26 -48.24
N TRP A 12 -13.67 -4.37 -47.60
CA TRP A 12 -12.35 -4.75 -47.12
C TRP A 12 -12.42 -5.72 -45.95
N GLU A 13 -13.46 -5.64 -45.12
CA GLU A 13 -13.61 -6.64 -44.07
C GLU A 13 -13.86 -8.02 -44.65
N ARG A 14 -14.74 -8.12 -45.65
CA ARG A 14 -14.94 -9.38 -46.35
C ARG A 14 -13.65 -9.85 -47.01
N ILE A 15 -12.86 -8.92 -47.54
CA ILE A 15 -11.59 -9.28 -48.17
C ILE A 15 -10.63 -9.86 -47.14
N GLN A 16 -10.57 -9.26 -45.94
CA GLN A 16 -9.67 -9.78 -44.92
C GLN A 16 -10.10 -11.16 -44.45
N GLN A 17 -11.41 -11.35 -44.25
CA GLN A 17 -11.89 -12.69 -43.89
C GLN A 17 -11.53 -13.71 -44.96
N LEU A 18 -11.76 -13.36 -46.23
CA LEU A 18 -11.46 -14.29 -47.31
C LEU A 18 -9.96 -14.56 -47.42
N GLU A 19 -9.13 -13.56 -47.16
CA GLU A 19 -7.69 -13.77 -47.26
C GLU A 19 -7.19 -14.66 -46.12
N LYS A 20 -7.71 -14.46 -44.90
CA LYS A 20 -7.36 -15.36 -43.81
C LYS A 20 -7.76 -16.79 -44.15
N GLU A 21 -8.97 -16.98 -44.66
CA GLU A 21 -9.42 -18.32 -45.05
C GLU A 21 -8.53 -18.90 -46.15
N HIS A 22 -8.17 -18.07 -47.13
CA HIS A 22 -7.34 -18.50 -48.24
C HIS A 22 -5.98 -18.96 -47.75
N VAL A 23 -5.39 -18.23 -46.81
CA VAL A 23 -4.08 -18.59 -46.29
C VAL A 23 -4.15 -19.88 -45.49
N GLU A 24 -5.19 -20.03 -44.66
CA GLU A 24 -5.36 -21.28 -43.93
C GLU A 24 -5.43 -22.46 -44.90
N VAL A 25 -6.26 -22.33 -45.93
CA VAL A 25 -6.41 -23.41 -46.90
C VAL A 25 -5.11 -23.65 -47.65
N TYR A 26 -4.36 -22.60 -47.95
CA TYR A 26 -3.10 -22.75 -48.67
C TYR A 26 -2.09 -23.56 -47.86
N ARG A 27 -1.90 -23.18 -46.59
CA ARG A 27 -0.95 -23.90 -45.74
C ARG A 27 -1.40 -25.35 -45.53
N GLU A 28 -2.69 -25.56 -45.30
CA GLU A 28 -3.19 -26.91 -45.11
C GLU A 28 -2.98 -27.76 -46.35
N LEU A 29 -3.23 -27.20 -47.54
CA LEU A 29 -3.01 -27.91 -48.79
C LEU A 29 -1.55 -28.26 -48.98
N LEU A 30 -0.65 -27.33 -48.65
CA LEU A 30 0.78 -27.63 -48.75
C LEU A 30 1.15 -28.81 -47.86
N ILE A 31 0.73 -28.76 -46.60
CA ILE A 31 1.08 -29.83 -45.66
C ILE A 31 0.52 -31.16 -46.16
N THR A 32 -0.73 -31.18 -46.60
CA THR A 32 -1.34 -32.43 -47.02
C THR A 32 -0.73 -32.96 -48.30
N LEU A 33 -0.33 -32.09 -49.22
CA LEU A 33 0.34 -32.55 -50.44
C LEU A 33 1.69 -33.16 -50.10
N ASP A 34 2.45 -32.53 -49.21
CA ASP A 34 3.75 -33.07 -48.84
C ASP A 34 3.62 -34.33 -48.00
N ARG A 35 2.48 -34.56 -47.35
CA ARG A 35 2.24 -35.85 -46.73
C ARG A 35 1.85 -36.91 -47.75
N LEU A 36 0.99 -36.53 -48.71
CA LEU A 36 0.55 -37.48 -49.73
C LEU A 36 1.71 -37.97 -50.57
N TYR A 37 2.68 -37.11 -50.85
CA TYR A 37 3.85 -37.55 -51.61
C TYR A 37 4.55 -38.70 -50.91
N LEU A 38 4.78 -38.57 -49.60
CA LEU A 38 5.43 -39.63 -48.85
C LEU A 38 4.56 -40.88 -48.77
N ILE A 39 3.26 -40.68 -48.53
CA ILE A 39 2.34 -41.81 -48.43
C ILE A 39 2.28 -42.58 -49.74
N ARG A 40 2.51 -41.91 -50.87
CA ARG A 40 2.54 -42.60 -52.16
C ARG A 40 3.90 -43.26 -52.40
N LYS A 41 4.99 -42.57 -52.08
CA LYS A 41 6.31 -43.18 -52.20
C LYS A 41 6.44 -44.39 -51.28
N HIS A 42 6.15 -44.21 -50.00
CA HIS A 42 6.00 -45.33 -49.07
C HIS A 42 4.60 -45.92 -49.24
N ASN A 43 4.18 -46.74 -48.29
CA ASN A 43 2.80 -47.21 -48.26
C ASN A 43 2.00 -46.66 -47.09
N HIS A 44 2.61 -46.54 -45.92
CA HIS A 44 1.92 -46.01 -44.74
C HIS A 44 2.78 -45.13 -43.84
N ALA A 45 4.01 -44.80 -44.23
CA ALA A 45 4.95 -44.10 -43.35
C ALA A 45 4.47 -42.68 -43.09
N VAL A 46 3.94 -42.44 -41.89
CA VAL A 46 3.39 -41.14 -41.53
C VAL A 46 3.94 -40.70 -40.17
N ILE A 47 5.06 -41.29 -39.76
CA ILE A 47 5.61 -41.00 -38.43
C ILE A 47 6.98 -40.35 -38.56
N LEU A 48 7.17 -39.56 -39.62
CA LEU A 48 8.43 -38.86 -39.84
C LEU A 48 8.84 -38.08 -38.60
N SER A 49 10.14 -38.07 -38.33
CA SER A 49 10.67 -37.60 -37.06
C SER A 49 10.54 -36.09 -36.92
N HIS A 50 10.84 -35.61 -35.70
CA HIS A 50 10.72 -34.19 -35.41
C HIS A 50 11.72 -33.38 -36.23
N THR A 51 12.94 -33.90 -36.42
CA THR A 51 13.92 -33.19 -37.22
C THR A 51 13.58 -33.22 -38.71
N GLN A 52 12.57 -34.02 -39.11
CA GLN A 52 12.06 -34.00 -40.47
C GLN A 52 10.74 -33.26 -40.59
N GLN A 53 9.86 -33.40 -39.59
CA GLN A 53 8.69 -32.54 -39.51
C GLN A 53 9.08 -31.07 -39.45
N ARG A 54 10.26 -30.77 -38.92
CA ARG A 54 10.74 -29.39 -38.92
C ARG A 54 11.30 -28.98 -40.29
N LEU A 55 11.95 -29.90 -40.98
CA LEU A 55 12.45 -29.60 -42.33
C LEU A 55 11.29 -29.32 -43.28
N LEU A 56 10.20 -30.06 -43.14
CA LEU A 56 9.01 -29.78 -43.94
C LEU A 56 8.50 -28.37 -43.69
N GLU A 57 8.44 -27.96 -42.42
CA GLU A 57 7.94 -26.63 -42.09
C GLU A 57 8.86 -25.56 -42.63
N ILE A 58 10.17 -25.76 -42.52
CA ILE A 58 11.13 -24.79 -43.05
C ILE A 58 10.96 -24.66 -44.56
N ARG A 59 10.76 -25.78 -45.25
CA ARG A 59 10.59 -25.72 -46.69
C ARG A 59 9.30 -25.00 -47.07
N HIS A 60 8.22 -25.25 -46.31
CA HIS A 60 6.98 -24.51 -46.54
C HIS A 60 7.19 -23.02 -46.34
N GLN A 61 7.98 -22.64 -45.33
CA GLN A 61 8.25 -21.23 -45.10
C GLN A 61 9.04 -20.62 -46.23
N LEU A 62 9.98 -21.38 -46.80
CA LEU A 62 10.76 -20.91 -47.93
C LEU A 62 9.85 -20.71 -49.14
N GLN A 63 8.91 -21.62 -49.35
CA GLN A 63 7.97 -21.51 -50.46
C GLN A 63 7.04 -20.32 -50.28
N ILE A 64 6.58 -20.08 -49.05
CA ILE A 64 5.70 -18.94 -48.78
C ILE A 64 6.45 -17.63 -48.99
N ASN A 65 7.71 -17.55 -48.54
CA ASN A 65 8.50 -16.36 -48.78
C ASN A 65 8.69 -16.11 -50.27
N LEU A 66 8.90 -17.18 -51.05
CA LEU A 66 9.04 -17.02 -52.49
C LEU A 66 7.72 -16.69 -53.18
N GLU A 67 6.59 -17.03 -52.55
CA GLU A 67 5.29 -16.72 -53.13
C GLU A 67 4.90 -15.27 -52.92
N LYS A 68 5.17 -14.71 -51.75
CA LYS A 68 4.75 -13.35 -51.44
C LYS A 68 5.85 -12.32 -51.66
N THR A 69 6.98 -12.71 -52.24
CA THR A 69 7.92 -11.75 -52.81
C THR A 69 7.74 -11.59 -54.31
N ALA A 70 6.93 -12.46 -54.93
CA ALA A 70 6.52 -12.23 -56.31
C ALA A 70 5.48 -11.14 -56.42
N LEU A 71 4.62 -10.99 -55.40
CA LEU A 71 3.65 -9.93 -55.38
C LEU A 71 4.33 -8.56 -55.27
N LEU A 72 5.39 -8.47 -54.48
CA LEU A 72 6.12 -7.22 -54.34
C LEU A 72 6.90 -6.89 -55.62
N ILE A 73 6.77 -7.73 -56.64
CA ILE A 73 7.36 -7.50 -57.94
C ILE A 73 6.30 -7.25 -59.00
N ARG A 74 5.37 -8.18 -59.17
CA ARG A 74 4.32 -8.03 -60.16
C ARG A 74 3.32 -6.95 -59.79
N LEU A 75 3.50 -6.28 -58.66
CA LEU A 75 2.59 -5.23 -58.23
C LEU A 75 3.30 -3.97 -57.74
N LEU A 76 4.57 -4.06 -57.32
CA LEU A 76 5.31 -2.90 -56.82
C LEU A 76 6.42 -2.44 -57.76
N GLU A 77 6.86 -3.27 -58.70
CA GLU A 77 7.95 -2.87 -59.59
C GLU A 77 7.54 -1.72 -60.49
N LYS A 78 6.34 -1.77 -61.05
CA LYS A 78 5.76 -0.65 -61.78
C LYS A 78 4.56 -0.14 -60.99
N PRO A 79 4.72 0.88 -60.16
CA PRO A 79 3.62 1.31 -59.28
C PRO A 79 2.49 1.95 -60.05
N ASP A 80 1.34 1.27 -60.10
CA ASP A 80 0.19 1.81 -60.82
C ASP A 80 -0.38 3.03 -60.11
N ASN A 81 -0.37 3.02 -58.78
CA ASN A 81 -0.88 4.11 -57.95
C ASN A 81 -2.36 4.39 -58.19
N THR A 82 -3.04 3.50 -58.91
CA THR A 82 -4.46 3.63 -59.18
C THR A 82 -5.25 2.36 -58.91
N ASN A 83 -4.61 1.19 -58.92
CA ASN A 83 -5.29 -0.05 -58.63
C ASN A 83 -5.73 -0.11 -57.17
N VAL A 84 -6.83 -0.80 -56.92
CA VAL A 84 -7.34 -0.90 -55.56
C VAL A 84 -6.44 -1.80 -54.71
N LEU A 85 -5.67 -2.68 -55.35
CA LEU A 85 -4.76 -3.55 -54.60
C LEU A 85 -3.47 -2.85 -54.22
N PHE A 86 -2.87 -2.14 -55.17
CA PHE A 86 -1.62 -1.42 -54.89
C PHE A 86 -1.82 -0.41 -53.76
N THR A 87 -2.88 0.39 -53.83
CA THR A 87 -3.16 1.35 -52.79
C THR A 87 -3.45 0.68 -51.45
N LYS A 88 -3.80 -0.60 -51.46
CA LYS A 88 -3.96 -1.33 -50.20
C LYS A 88 -2.62 -1.77 -49.65
N LEU A 89 -1.70 -2.20 -50.52
CA LEU A 89 -0.40 -2.66 -50.05
C LEU A 89 0.38 -1.53 -49.38
N GLN A 90 0.45 -0.37 -50.02
CA GLN A 90 1.17 0.74 -49.43
C GLN A 90 0.52 1.20 -48.13
N ASN A 91 -0.79 1.00 -47.99
CA ASN A 91 -1.46 1.19 -46.71
C ASN A 91 -1.33 -0.02 -45.79
N LEU A 92 -0.56 -1.03 -46.23
CA LEU A 92 -0.34 -2.22 -45.42
C LEU A 92 1.13 -2.53 -45.22
N LEU A 93 2.02 -2.09 -46.11
CA LEU A 93 3.45 -2.25 -45.94
C LEU A 93 4.07 -1.19 -45.02
N GLU A 94 3.39 -0.05 -44.86
CA GLU A 94 3.88 1.03 -44.02
C GLU A 94 3.31 1.00 -42.62
N GLU A 95 2.34 0.13 -42.36
CA GLU A 95 1.73 0.03 -41.04
C GLU A 95 2.42 -0.99 -40.15
N SER A 96 2.97 -2.06 -40.74
CA SER A 96 3.53 -3.15 -39.95
C SER A 96 4.77 -2.71 -39.20
N ASN A 97 5.78 -2.22 -39.93
CA ASN A 97 7.06 -1.89 -39.33
C ASN A 97 7.07 -0.49 -38.70
N SER A 98 5.90 0.07 -38.41
CA SER A 98 5.87 1.36 -37.73
C SER A 98 6.21 1.22 -36.25
N LEU A 99 5.77 0.14 -35.62
CA LEU A 99 5.99 -0.11 -34.21
C LEU A 99 7.27 -0.88 -33.93
N ASP A 100 8.03 -1.25 -34.96
CA ASP A 100 9.25 -2.03 -34.78
C ASP A 100 10.29 -1.32 -33.95
N TYR A 101 10.23 0.00 -33.82
CA TYR A 101 11.12 0.71 -32.91
C TYR A 101 10.57 0.82 -31.51
N GLU A 102 9.26 1.00 -31.39
CA GLU A 102 8.61 1.08 -30.09
C GLU A 102 8.71 -0.27 -29.39
N LEU A 103 8.47 -1.34 -30.15
CA LEU A 103 8.51 -2.70 -29.63
C LEU A 103 9.90 -3.13 -29.16
N LEU A 104 10.92 -2.79 -29.94
CA LEU A 104 12.29 -3.14 -29.59
C LEU A 104 12.68 -2.42 -28.30
N GLN A 105 12.30 -1.15 -28.23
CA GLN A 105 12.58 -0.33 -27.06
C GLN A 105 11.87 -0.85 -25.83
N SER A 106 10.63 -1.30 -26.01
CA SER A 106 9.83 -1.79 -24.89
C SER A 106 10.43 -3.03 -24.24
N LEU A 107 11.24 -3.80 -24.96
CA LEU A 107 11.96 -4.92 -24.37
C LEU A 107 13.23 -4.49 -23.66
N GLY A 108 13.81 -3.36 -24.05
CA GLY A 108 14.98 -2.85 -23.38
C GLY A 108 14.61 -2.13 -22.10
N ALA A 109 13.39 -1.61 -22.04
CA ALA A 109 12.85 -0.99 -20.84
C ALA A 109 12.06 -1.96 -19.99
N GLN A 110 11.94 -3.22 -20.41
CA GLN A 110 11.36 -4.27 -19.60
C GLN A 110 12.41 -5.18 -18.98
N SER A 111 13.55 -5.35 -19.64
CA SER A 111 14.71 -6.01 -19.06
C SER A 111 15.62 -5.03 -18.36
N SER A 112 15.20 -3.77 -18.23
CA SER A 112 15.86 -2.79 -17.39
C SER A 112 15.16 -2.61 -16.05
N LEU A 113 13.83 -2.75 -16.03
CA LEU A 113 13.13 -2.83 -14.76
C LEU A 113 13.44 -4.12 -14.04
N HIS A 114 13.71 -5.19 -14.79
CA HIS A 114 14.03 -6.47 -14.16
C HIS A 114 15.38 -6.41 -13.45
N LYS A 115 16.31 -5.67 -14.04
CA LYS A 115 17.63 -5.49 -13.45
C LYS A 115 17.51 -4.80 -12.11
N GLN A 116 16.55 -3.90 -11.98
CA GLN A 116 16.32 -3.18 -10.73
C GLN A 116 15.52 -4.00 -9.73
N LEU A 117 14.55 -4.78 -10.21
CA LEU A 117 13.80 -5.67 -9.32
C LEU A 117 14.73 -6.69 -8.68
N ILE A 118 15.67 -7.25 -9.45
CA ILE A 118 16.53 -8.28 -8.88
C ILE A 118 17.48 -7.68 -7.85
N GLU A 119 17.93 -6.44 -8.04
CA GLU A 119 18.80 -5.83 -7.05
C GLU A 119 18.01 -5.42 -5.81
N SER A 120 16.77 -4.99 -5.99
CA SER A 120 15.93 -4.69 -4.83
C SER A 120 15.65 -5.96 -4.03
N ARG A 121 15.46 -7.08 -4.71
CA ARG A 121 15.25 -8.33 -3.99
C ARG A 121 16.52 -8.85 -3.33
N ALA A 122 17.68 -8.66 -3.96
CA ALA A 122 18.93 -8.98 -3.28
C ALA A 122 19.07 -8.17 -2.00
N GLU A 123 18.74 -6.87 -2.06
CA GLU A 123 18.79 -6.04 -0.87
C GLU A 123 17.80 -6.51 0.19
N ARG A 124 16.59 -6.90 -0.23
CA ARG A 124 15.62 -7.42 0.73
C ARG A 124 16.11 -8.68 1.40
N ASP A 125 16.71 -9.59 0.62
CA ASP A 125 17.18 -10.84 1.20
C ASP A 125 18.38 -10.63 2.11
N GLU A 126 19.21 -9.62 1.82
CA GLU A 126 20.32 -9.33 2.72
C GLU A 126 19.87 -8.58 3.97
N LEU A 127 18.76 -7.85 3.91
CA LEU A 127 18.25 -7.14 5.08
C LEU A 127 17.44 -8.05 6.00
N MET A 128 16.52 -8.82 5.43
CA MET A 128 15.62 -9.64 6.25
C MET A 128 16.37 -10.67 7.07
N SER A 129 17.46 -11.22 6.54
CA SER A 129 18.22 -12.20 7.31
C SER A 129 18.89 -11.56 8.52
N LYS A 130 19.52 -10.40 8.32
CA LYS A 130 20.09 -9.66 9.44
C LYS A 130 19.02 -9.32 10.47
N LEU A 131 17.85 -8.89 9.98
CA LEU A 131 16.76 -8.54 10.87
C LEU A 131 16.27 -9.72 11.68
N ILE A 132 16.17 -10.89 11.06
CA ILE A 132 15.70 -12.08 11.77
C ILE A 132 16.73 -12.53 12.80
N GLU A 133 18.02 -12.44 12.45
CA GLU A 133 19.05 -12.77 13.43
C GLU A 133 18.99 -11.82 14.62
N LEU A 134 18.83 -10.52 14.35
CA LEU A 134 18.71 -9.55 15.44
C LEU A 134 17.48 -9.80 16.28
N SER A 135 16.36 -10.13 15.65
CA SER A 135 15.13 -10.42 16.39
C SER A 135 15.32 -11.63 17.28
N SER A 136 16.00 -12.66 16.78
CA SER A 136 16.24 -13.85 17.58
C SER A 136 17.16 -13.54 18.75
N LYS A 137 18.13 -12.65 18.56
CA LYS A 137 19.05 -12.31 19.65
C LYS A 137 18.40 -11.45 20.73
N PHE A 138 17.16 -11.02 20.55
CA PHE A 138 16.49 -10.23 21.58
C PHE A 138 15.85 -11.14 22.62
N PRO A 139 15.83 -10.70 23.89
CA PRO A 139 15.22 -11.51 24.95
C PRO A 139 13.71 -11.56 24.78
N LYS A 140 13.20 -12.73 24.40
CA LYS A 140 11.77 -12.89 24.21
C LYS A 140 11.06 -12.89 25.55
N PRO A 141 10.01 -12.11 25.73
CA PRO A 141 9.28 -12.10 26.99
C PRO A 141 8.49 -13.39 27.17
N THR A 142 8.50 -13.91 28.39
CA THR A 142 7.82 -15.16 28.68
C THR A 142 6.30 -14.98 28.60
N ILE A 143 5.62 -16.10 28.39
CA ILE A 143 4.16 -16.11 28.28
C ILE A 143 3.59 -16.49 29.64
N PRO A 144 2.38 -16.06 29.98
CA PRO A 144 1.80 -16.42 31.28
C PRO A 144 1.40 -17.88 31.30
N PRO A 145 1.09 -18.43 32.48
CA PRO A 145 0.55 -19.79 32.51
C PRO A 145 -0.85 -19.81 31.92
N ASP A 146 -0.97 -20.35 30.72
CA ASP A 146 -2.22 -20.30 29.95
C ASP A 146 -3.17 -21.36 30.51
N ASP A 147 -3.92 -20.97 31.52
CA ASP A 147 -4.92 -21.83 32.11
C ASP A 147 -6.31 -21.48 31.57
N SER A 148 -7.26 -22.38 31.82
CA SER A 148 -8.64 -22.20 31.38
C SER A 148 -9.54 -22.60 32.54
N ASP A 149 -9.89 -21.63 33.38
CA ASP A 149 -10.75 -21.84 34.54
C ASP A 149 -12.14 -21.33 34.21
N THR A 150 -13.00 -22.21 33.70
CA THR A 150 -14.42 -21.96 33.48
C THR A 150 -14.64 -20.57 32.87
N ALA A 151 -14.26 -20.41 31.61
CA ALA A 151 -14.09 -19.13 30.92
C ALA A 151 -15.18 -18.10 31.25
N GLY A 152 -16.38 -18.56 31.60
CA GLY A 152 -17.35 -17.65 32.19
C GLY A 152 -16.78 -16.88 33.36
N LYS A 153 -16.10 -17.58 34.27
CA LYS A 153 -15.43 -16.91 35.38
C LYS A 153 -14.28 -16.05 34.88
N GLN A 154 -13.58 -16.48 33.83
CA GLN A 154 -12.53 -15.64 33.25
C GLN A 154 -13.09 -14.29 32.82
N VAL A 155 -14.25 -14.28 32.19
CA VAL A 155 -14.87 -13.02 31.78
C VAL A 155 -15.37 -12.25 33.00
N GLU A 156 -16.01 -12.93 33.95
CA GLU A 156 -16.50 -12.25 35.14
C GLU A 156 -15.39 -11.72 36.03
N VAL A 157 -14.15 -12.15 35.80
CA VAL A 157 -13.01 -11.59 36.52
C VAL A 157 -12.38 -10.48 35.68
N GLU A 158 -12.38 -10.66 34.36
CA GLU A 158 -11.84 -9.63 33.47
C GLU A 158 -12.62 -8.33 33.60
N LYS A 159 -13.91 -8.40 33.91
CA LYS A 159 -14.68 -7.19 34.13
C LYS A 159 -14.80 -6.83 35.60
N GLU A 160 -14.34 -7.70 36.50
CA GLU A 160 -14.28 -7.33 37.91
C GLU A 160 -12.99 -6.60 38.26
N ASN A 161 -11.90 -6.96 37.60
CA ASN A 161 -10.62 -6.26 37.81
C ASN A 161 -10.46 -5.09 36.84
N GLU A 162 -11.54 -4.69 36.17
CA GLU A 162 -11.54 -3.45 35.41
C GLU A 162 -12.21 -2.33 36.18
N THR A 163 -13.31 -2.62 36.89
CA THR A 163 -13.93 -1.62 37.74
C THR A 163 -13.02 -1.26 38.91
N ILE A 164 -12.19 -2.19 39.38
CA ILE A 164 -11.20 -1.86 40.40
C ILE A 164 -10.19 -0.88 39.82
N GLN A 165 -9.82 -1.07 38.55
CA GLN A 165 -8.84 -0.18 37.93
C GLN A 165 -9.40 1.23 37.77
N GLU A 166 -10.62 1.34 37.25
CA GLU A 166 -11.22 2.67 37.06
C GLU A 166 -11.50 3.34 38.40
N LEU A 167 -11.96 2.57 39.39
CA LEU A 167 -12.17 3.12 40.72
C LEU A 167 -10.88 3.63 41.32
N MET A 168 -9.79 2.85 41.16
CA MET A 168 -8.49 3.30 41.66
C MET A 168 -8.06 4.58 40.98
N ILE A 169 -8.21 4.65 39.66
CA ILE A 169 -7.79 5.84 38.93
C ILE A 169 -8.58 7.05 39.40
N ALA A 170 -9.89 6.89 39.61
CA ALA A 170 -10.72 8.01 40.05
C ALA A 170 -10.34 8.44 41.47
N LEU A 171 -10.28 7.50 42.39
CA LEU A 171 -9.93 7.82 43.77
C LEU A 171 -8.55 8.45 43.86
N GLN A 172 -7.65 8.10 42.94
CA GLN A 172 -6.32 8.69 42.98
C GLN A 172 -6.31 10.10 42.41
N ILE A 173 -7.00 10.30 41.28
CA ILE A 173 -6.96 11.61 40.64
C ILE A 173 -7.71 12.65 41.47
N HIS A 174 -8.93 12.31 41.89
CA HIS A 174 -9.79 13.33 42.47
C HIS A 174 -9.44 13.65 43.92
N SER A 175 -8.83 12.72 44.65
CA SER A 175 -8.49 12.99 46.04
C SER A 175 -7.15 13.72 46.17
N GLY A 176 -6.08 13.06 45.73
CA GLY A 176 -4.74 13.52 46.03
C GLY A 176 -3.72 12.57 45.44
N TYR A 177 -2.78 12.12 46.27
CA TYR A 177 -1.91 10.99 45.95
C TYR A 177 -1.08 11.28 44.70
N THR A 178 -0.17 12.24 44.86
CA THR A 178 0.79 12.59 43.82
C THR A 178 1.33 11.38 43.08
N ASN A 179 1.63 10.28 43.76
CA ASN A 179 2.18 9.15 43.02
C ASN A 179 1.11 8.31 42.34
N ILE A 180 0.49 8.86 41.31
CA ILE A 180 -0.55 8.14 40.56
C ILE A 180 0.03 6.94 39.81
N SER A 181 0.71 7.23 38.70
CA SER A 181 1.41 6.28 37.80
C SER A 181 0.49 5.46 36.88
N TYR A 182 1.09 4.74 35.93
CA TYR A 182 0.33 3.94 34.97
C TYR A 182 0.18 2.49 35.42
N THR A 183 0.84 2.15 36.52
CA THR A 183 0.76 0.80 37.04
C THR A 183 -0.25 0.73 38.16
N ILE A 184 -1.52 0.52 37.80
CA ILE A 184 -2.60 0.42 38.78
C ILE A 184 -2.80 -1.02 39.24
N ALA B 3 27.88 17.40 27.18
CA ALA B 3 28.61 18.66 27.05
C ALA B 3 27.70 19.85 27.36
N MET B 4 26.94 20.26 26.35
CA MET B 4 25.98 21.34 26.50
C MET B 4 24.88 20.88 27.48
N SER B 5 24.47 19.62 27.36
CA SER B 5 23.45 19.09 28.26
C SER B 5 23.90 19.15 29.70
N LEU B 6 25.19 19.04 29.96
CA LEU B 6 25.70 19.23 31.32
C LEU B 6 25.53 20.67 31.76
N ILE B 7 25.77 21.63 30.86
CA ILE B 7 25.55 23.03 31.19
C ILE B 7 24.08 23.28 31.51
N LEU B 8 23.18 22.67 30.73
CA LEU B 8 21.76 22.86 30.98
C LEU B 8 21.33 22.20 32.28
N ASP B 9 21.87 21.01 32.58
CA ASP B 9 21.61 20.38 33.87
C ASP B 9 22.09 21.26 35.02
N ASP B 10 23.25 21.91 34.85
CA ASP B 10 23.75 22.80 35.88
C ASP B 10 22.85 24.02 36.06
N ILE B 11 22.34 24.56 34.95
CA ILE B 11 21.42 25.69 35.05
C ILE B 11 20.15 25.29 35.78
N ILE B 12 19.61 24.12 35.44
CA ILE B 12 18.38 23.65 36.09
C ILE B 12 18.63 23.37 37.57
N LEU B 13 19.81 22.85 37.90
CA LEU B 13 20.12 22.61 39.31
C LEU B 13 20.33 23.91 40.06
N SER B 14 20.85 24.95 39.38
CA SER B 14 20.92 26.27 39.97
C SER B 14 19.53 26.82 40.26
N LEU B 15 18.59 26.60 39.34
CA LEU B 15 17.22 27.03 39.58
C LEU B 15 16.58 26.22 40.70
N THR B 16 16.95 24.94 40.83
CA THR B 16 16.36 24.08 41.84
C THR B 16 16.85 24.44 43.24
N ASN B 17 18.17 24.43 43.43
CA ASN B 17 18.75 24.69 44.74
C ASN B 17 18.65 26.16 45.14
N ALA B 18 18.05 27.02 44.31
CA ALA B 18 17.94 28.43 44.64
C ALA B 18 16.87 28.64 45.71
N ASN B 19 17.13 28.13 46.92
CA ASN B 19 16.20 28.20 48.03
C ASN B 19 16.91 28.75 49.25
N GLU B 20 16.14 29.42 50.12
CA GLU B 20 16.64 29.94 51.39
C GLU B 20 17.74 30.98 51.19
N ARG B 21 17.78 31.58 49.99
CA ARG B 21 18.80 32.60 49.71
C ARG B 21 18.14 33.91 49.27
N THR B 22 17.05 33.80 48.49
CA THR B 22 16.33 34.93 47.91
C THR B 22 17.27 35.94 47.28
N PRO B 23 17.90 35.61 46.14
CA PRO B 23 18.83 36.53 45.52
C PRO B 23 18.09 37.66 44.82
N PRO B 24 18.69 38.85 44.73
CA PRO B 24 18.03 39.96 44.05
C PRO B 24 17.89 39.75 42.56
N GLN B 25 19.00 39.42 41.89
CA GLN B 25 18.99 39.27 40.43
C GLN B 25 19.74 38.05 39.92
N ALA B 26 20.41 37.28 40.78
CA ALA B 26 21.08 36.06 40.32
C ALA B 26 20.08 35.07 39.73
N LEU B 27 18.90 34.99 40.34
CA LEU B 27 17.84 34.14 39.80
C LEU B 27 17.44 34.60 38.41
N LYS B 28 17.41 35.91 38.18
CA LYS B 28 17.07 36.44 36.85
C LYS B 28 18.13 36.06 35.83
N THR B 29 19.40 36.12 36.22
CA THR B 29 20.46 35.72 35.30
C THR B 29 20.39 34.23 35.00
N THR B 30 20.08 33.41 36.00
CA THR B 30 19.91 31.98 35.76
C THR B 30 18.74 31.72 34.82
N LEU B 31 17.64 32.48 35.00
CA LEU B 31 16.48 32.31 34.14
C LEU B 31 16.80 32.73 32.71
N SER B 32 17.60 33.78 32.52
CA SER B 32 17.97 34.18 31.17
C SER B 32 18.90 33.16 30.54
N LEU B 33 19.82 32.59 31.33
CA LEU B 33 20.66 31.51 30.84
C LEU B 33 19.81 30.34 30.37
N LEU B 34 18.77 30.00 31.14
CA LEU B 34 17.85 28.93 30.71
C LEU B 34 17.11 29.31 29.44
N TYR B 35 16.62 30.56 29.37
CA TYR B 35 15.96 31.05 28.17
C TYR B 35 16.81 30.82 26.93
N GLU B 36 18.11 31.16 27.03
CA GLU B 36 18.95 31.11 25.85
C GLU B 36 19.52 29.72 25.59
N LYS B 37 19.60 28.86 26.60
CA LYS B 37 20.19 27.55 26.42
C LYS B 37 19.16 26.46 26.13
N SER B 38 17.88 26.70 26.43
CA SER B 38 16.84 25.74 26.09
C SER B 38 16.36 25.89 24.66
N LYS B 39 16.49 27.08 24.07
CA LYS B 39 16.13 27.32 22.68
C LYS B 39 17.22 26.87 21.71
N GLN B 40 18.34 26.34 22.21
CA GLN B 40 19.45 25.93 21.38
C GLN B 40 19.57 24.42 21.23
N TYR B 41 19.43 23.67 22.33
CA TYR B 41 19.69 22.23 22.30
C TYR B 41 18.45 21.39 22.54
N GLY B 42 17.66 21.70 23.56
CA GLY B 42 16.34 21.09 23.63
C GLY B 42 15.90 20.34 24.87
N LEU B 43 16.53 20.58 26.03
CA LEU B 43 15.96 20.23 27.32
C LEU B 43 15.51 18.78 27.38
N SER B 44 16.50 17.88 27.38
CA SER B 44 16.27 16.44 27.44
C SER B 44 15.23 16.09 28.51
N SER B 45 14.52 14.98 28.31
CA SER B 45 13.30 14.74 29.08
C SER B 45 13.49 14.67 30.59
N PRO B 46 14.57 14.07 31.14
CA PRO B 46 14.78 14.19 32.59
C PRO B 46 14.91 15.63 33.06
N GLN B 47 15.53 16.49 32.24
CA GLN B 47 15.59 17.91 32.59
C GLN B 47 14.20 18.53 32.58
N LEU B 48 13.35 18.14 31.62
CA LEU B 48 11.98 18.63 31.60
C LEU B 48 11.22 18.18 32.83
N GLN B 49 11.44 16.94 33.27
CA GLN B 49 10.77 16.45 34.47
C GLN B 49 11.21 17.23 35.70
N ALA B 50 12.52 17.40 35.87
CA ALA B 50 13.01 18.20 36.99
C ALA B 50 12.48 19.62 36.92
N LEU B 51 12.37 20.19 35.72
CA LEU B 51 11.92 21.57 35.59
C LEU B 51 10.44 21.72 35.92
N VAL B 52 9.60 20.79 35.46
CA VAL B 52 8.19 20.89 35.79
C VAL B 52 7.96 20.63 37.28
N ARG B 53 8.77 19.74 37.88
CA ARG B 53 8.68 19.54 39.32
C ARG B 53 9.05 20.81 40.07
N LEU B 54 10.15 21.46 39.66
CA LEU B 54 10.55 22.72 40.26
C LEU B 54 9.46 23.78 40.12
N LEU B 55 8.84 23.86 38.94
CA LEU B 55 7.85 24.90 38.70
C LEU B 55 6.59 24.67 39.52
N CYS B 56 6.12 23.43 39.59
CA CYS B 56 4.87 23.16 40.29
C CYS B 56 5.04 23.17 41.80
N GLU B 57 6.14 22.63 42.31
CA GLU B 57 6.32 22.56 43.76
C GLU B 57 6.77 23.89 44.34
N THR B 58 7.91 24.39 43.88
CA THR B 58 8.45 25.63 44.44
C THR B 58 7.61 26.83 44.00
N SER B 59 7.71 27.89 44.79
CA SER B 59 7.01 29.14 44.52
C SER B 59 7.92 30.33 44.73
N ILE B 60 9.20 30.17 44.36
CA ILE B 60 10.14 31.28 44.45
C ILE B 60 9.83 32.32 43.37
N ILE B 61 9.54 31.87 42.17
CA ILE B 61 9.13 32.73 41.07
C ILE B 61 7.61 32.71 40.99
N ASP B 62 7.03 33.83 40.59
CA ASP B 62 5.58 33.95 40.52
C ASP B 62 5.04 33.23 39.28
N THR B 63 3.72 33.10 39.22
CA THR B 63 3.09 32.32 38.15
C THR B 63 3.30 32.93 36.77
N VAL B 64 3.54 34.23 36.69
CA VAL B 64 3.73 34.88 35.38
C VAL B 64 4.96 34.30 34.69
N THR B 65 6.12 34.41 35.33
CA THR B 65 7.33 33.86 34.74
C THR B 65 7.30 32.35 34.63
N LYS B 66 6.59 31.66 35.53
CA LYS B 66 6.47 30.21 35.41
C LYS B 66 5.74 29.81 34.14
N VAL B 67 4.59 30.44 33.88
CA VAL B 67 3.88 30.18 32.64
C VAL B 67 4.70 30.62 31.44
N TYR B 68 5.47 31.70 31.59
CA TYR B 68 6.30 32.16 30.46
C TYR B 68 7.37 31.15 30.10
N ILE B 69 8.02 30.55 31.11
CA ILE B 69 9.04 29.54 30.82
C ILE B 69 8.44 28.18 30.51
N VAL B 70 7.16 27.97 30.80
CA VAL B 70 6.48 26.81 30.23
C VAL B 70 6.22 27.03 28.75
N GLU B 71 5.90 28.26 28.37
CA GLU B 71 5.62 28.56 26.97
C GLU B 71 6.89 28.55 26.13
N ASN B 72 7.96 29.19 26.61
CA ASN B 72 9.12 29.48 25.78
C ASN B 72 10.36 28.68 26.09
N CYS B 73 10.30 27.75 27.06
CA CYS B 73 11.46 26.92 27.36
C CYS B 73 11.18 25.42 27.26
N PHE B 74 9.95 24.98 27.46
CA PHE B 74 9.64 23.56 27.40
C PHE B 74 9.69 23.07 25.96
N LEU B 75 10.89 22.95 25.42
CA LEU B 75 11.11 22.53 24.04
C LEU B 75 11.86 21.21 24.07
N PRO B 76 11.16 20.09 24.16
CA PRO B 76 11.85 18.80 24.21
C PRO B 76 12.60 18.51 22.92
N ASP B 77 13.74 17.85 23.06
CA ASP B 77 14.53 17.41 21.92
C ASP B 77 14.32 15.94 21.60
N GLY B 78 13.60 15.20 22.44
CA GLY B 78 13.46 13.78 22.26
C GLY B 78 12.04 13.31 22.13
N TYR B 79 11.68 12.26 22.88
CA TYR B 79 10.33 11.69 22.80
C TYR B 79 9.40 11.81 24.01
N LEU B 80 9.79 12.51 25.06
CA LEU B 80 8.92 12.65 26.22
C LEU B 80 8.73 11.34 26.97
N THR B 81 9.79 10.82 27.62
CA THR B 81 9.68 9.58 28.35
C THR B 81 8.45 9.59 29.26
N LYS B 82 7.86 8.41 29.44
CA LYS B 82 6.61 8.28 30.18
C LYS B 82 6.71 8.73 31.63
N GLU B 83 7.91 9.04 32.11
CA GLU B 83 8.09 9.55 33.47
C GLU B 83 7.92 11.06 33.56
N LEU B 84 7.83 11.75 32.42
CA LEU B 84 7.52 13.18 32.44
C LEU B 84 6.02 13.43 32.46
N LEU B 85 5.26 12.67 31.66
CA LEU B 85 3.81 12.82 31.65
C LEU B 85 3.22 12.61 33.04
N LEU B 86 3.83 11.71 33.82
CA LEU B 86 3.33 11.47 35.17
C LEU B 86 3.59 12.68 36.05
N GLU B 87 4.82 13.23 36.02
CA GLU B 87 5.13 14.39 36.84
C GLU B 87 4.25 15.59 36.49
N ILE B 88 3.64 15.57 35.30
CA ILE B 88 2.67 16.61 34.97
C ILE B 88 1.30 16.24 35.52
N ILE B 89 0.86 15.00 35.29
CA ILE B 89 -0.41 14.53 35.81
C ILE B 89 -0.45 14.62 37.34
N ASN B 90 0.69 14.41 37.99
CA ASN B 90 0.73 14.41 39.45
C ASN B 90 0.52 15.80 40.03
N HIS B 91 0.64 16.85 39.21
CA HIS B 91 0.47 18.22 39.69
C HIS B 91 -0.80 18.88 39.17
N LEU B 92 -1.59 18.18 38.36
CA LEU B 92 -2.86 18.71 37.91
C LEU B 92 -3.96 18.33 38.88
N GLY B 93 -4.82 19.30 39.18
CA GLY B 93 -5.93 19.10 40.09
C GLY B 93 -6.03 20.26 41.06
N THR B 94 -6.71 20.01 42.17
CA THR B 94 -6.96 21.01 43.20
C THR B 94 -6.84 20.34 44.56
N PRO B 95 -6.60 21.11 45.61
CA PRO B 95 -6.59 20.53 46.96
C PRO B 95 -7.95 19.98 47.33
N THR B 96 -7.93 18.92 48.12
CA THR B 96 -9.13 18.21 48.55
C THR B 96 -9.05 17.74 50.01
N VAL B 97 -10.20 17.38 50.59
CA VAL B 97 -10.23 16.96 51.98
C VAL B 97 -9.04 16.06 52.30
N PHE B 98 -8.71 15.15 51.38
CA PHE B 98 -7.64 14.20 51.60
C PHE B 98 -6.25 14.80 51.38
N SER B 99 -6.15 15.96 50.76
CA SER B 99 -4.86 16.59 50.48
C SER B 99 -4.93 18.08 50.76
N ARG B 100 -5.55 18.46 51.88
CA ARG B 100 -5.69 19.87 52.21
C ARG B 100 -4.35 20.53 52.53
N TYR B 101 -3.35 19.75 52.92
CA TYR B 101 -2.04 20.31 53.25
C TYR B 101 -1.14 20.45 52.04
N ARG B 102 -1.31 19.57 51.04
CA ARG B 102 -0.52 19.66 49.81
C ARG B 102 -0.72 21.02 49.14
N ILE B 103 0.38 21.67 48.80
CA ILE B 103 0.32 23.01 48.22
C ILE B 103 -0.19 22.90 46.79
N GLN B 104 -1.20 23.72 46.46
CA GLN B 104 -1.78 23.70 45.13
C GLN B 104 -0.86 24.43 44.15
N THR B 105 -0.86 23.93 42.91
CA THR B 105 -0.21 24.65 41.83
C THR B 105 -1.21 25.57 41.13
N PRO B 106 -0.79 26.75 40.70
CA PRO B 106 -1.75 27.71 40.12
C PRO B 106 -2.46 27.14 38.92
N PRO B 107 -3.79 27.20 38.89
CA PRO B 107 -4.53 26.64 37.74
C PRO B 107 -4.13 27.23 36.40
N VAL B 108 -3.65 28.47 36.36
CA VAL B 108 -3.12 29.03 35.12
C VAL B 108 -1.91 28.24 34.66
N LEU B 109 -1.03 27.87 35.61
CA LEU B 109 0.14 27.07 35.27
C LEU B 109 -0.28 25.67 34.82
N GLN B 110 -1.34 25.13 35.42
CA GLN B 110 -1.81 23.81 35.01
C GLN B 110 -2.38 23.84 33.59
N SER B 111 -3.10 24.90 33.26
CA SER B 111 -3.60 25.03 31.89
C SER B 111 -2.45 25.26 30.92
N ALA B 112 -1.40 25.97 31.34
CA ALA B 112 -0.22 26.13 30.49
C ALA B 112 0.46 24.80 30.25
N LEU B 113 0.53 23.94 31.28
CA LEU B 113 1.14 22.63 31.11
C LEU B 113 0.31 21.76 30.17
N CYS B 114 -1.01 21.81 30.29
CA CYS B 114 -1.85 21.05 29.37
C CYS B 114 -1.75 21.58 27.94
N LYS B 115 -1.61 22.90 27.79
CA LYS B 115 -1.42 23.46 26.45
C LYS B 115 -0.09 22.99 25.85
N TRP B 116 0.98 23.04 26.64
CA TRP B 116 2.26 22.53 26.15
C TRP B 116 2.17 21.06 25.80
N LEU B 117 1.43 20.28 26.59
CA LEU B 117 1.23 18.88 26.26
C LEU B 117 0.49 18.72 24.93
N VAL B 118 -0.45 19.61 24.64
CA VAL B 118 -1.14 19.56 23.35
C VAL B 118 -0.18 19.89 22.21
N HIS B 119 0.71 20.86 22.42
CA HIS B 119 1.60 21.27 21.34
C HIS B 119 2.59 20.17 20.98
N VAL B 120 3.09 19.44 21.97
CA VAL B 120 4.12 18.43 21.73
C VAL B 120 3.51 17.03 21.76
N TYR B 121 2.20 16.95 21.48
CA TYR B 121 1.54 15.65 21.54
C TYR B 121 2.14 14.65 20.56
N PHE B 122 2.64 15.12 19.41
CA PHE B 122 3.28 14.21 18.47
C PHE B 122 4.56 13.58 19.03
N LEU B 123 5.02 14.02 20.19
CA LEU B 123 6.20 13.48 20.84
C LEU B 123 5.86 12.53 21.98
N PHE B 124 4.59 12.19 22.17
CA PHE B 124 4.25 11.25 23.22
C PHE B 124 4.85 9.88 22.92
N PRO B 125 5.22 9.13 23.95
CA PRO B 125 5.69 7.76 23.73
C PRO B 125 4.53 6.80 23.56
N VAL B 126 4.81 5.69 22.87
CA VAL B 126 3.78 4.70 22.62
C VAL B 126 3.50 3.93 23.90
N HIS B 127 2.25 3.90 24.32
CA HIS B 127 1.85 3.25 25.55
C HIS B 127 1.57 1.78 25.30
N SER B 128 1.77 0.97 26.34
CA SER B 128 1.85 -0.48 26.19
C SER B 128 0.50 -1.16 26.32
N GLU B 129 -0.51 -0.64 25.62
CA GLU B 129 -1.77 -1.35 25.38
C GLU B 129 -2.58 -1.56 26.65
N ARG B 130 -1.98 -1.27 27.79
CA ARG B 130 -2.64 -1.21 29.09
C ARG B 130 -2.36 0.11 29.80
N GLU B 131 -1.13 0.59 29.71
CA GLU B 131 -0.85 1.97 30.07
C GLU B 131 -1.68 2.93 29.24
N HIS B 132 -2.03 2.53 28.02
CA HIS B 132 -2.92 3.37 27.21
C HIS B 132 -4.34 3.36 27.77
N ASN B 133 -4.83 2.19 28.20
CA ASN B 133 -6.14 2.13 28.81
C ASN B 133 -6.19 2.90 30.12
N ILE B 134 -5.06 3.07 30.80
CA ILE B 134 -5.03 3.87 32.02
C ILE B 134 -4.88 5.36 31.71
N SER B 135 -4.11 5.71 30.69
CA SER B 135 -3.95 7.11 30.32
C SER B 135 -5.25 7.68 29.76
N SER B 136 -5.99 6.89 28.98
CA SER B 136 -7.23 7.36 28.40
C SER B 136 -8.34 7.52 29.43
N SER B 137 -8.13 7.08 30.67
CA SER B 137 -9.02 7.37 31.77
C SER B 137 -8.50 8.46 32.67
N ILE B 138 -7.18 8.54 32.85
CA ILE B 138 -6.58 9.63 33.60
C ILE B 138 -6.91 10.96 32.93
N TRP B 139 -6.77 11.03 31.61
CA TRP B 139 -7.02 12.29 30.91
C TRP B 139 -8.50 12.63 30.88
N LEU B 140 -9.38 11.62 30.93
CA LEU B 140 -10.81 11.91 31.00
C LEU B 140 -11.20 12.44 32.37
N HIS B 141 -10.63 11.87 33.44
CA HIS B 141 -10.92 12.37 34.77
C HIS B 141 -10.29 13.74 35.00
N LEU B 142 -9.17 14.03 34.35
CA LEU B 142 -8.61 15.37 34.42
C LEU B 142 -9.35 16.36 33.54
N TRP B 143 -10.25 15.91 32.69
CA TRP B 143 -11.03 16.78 31.81
C TRP B 143 -12.20 17.44 32.53
N GLN B 144 -12.39 17.14 33.81
CA GLN B 144 -13.55 17.64 34.52
C GLN B 144 -13.24 18.95 35.23
N PHE B 145 -11.96 19.19 35.52
CA PHE B 145 -11.55 20.50 36.01
C PHE B 145 -11.70 21.51 34.89
N SER B 146 -12.46 22.59 35.16
CA SER B 146 -12.87 23.49 34.09
C SER B 146 -11.69 24.23 33.48
N PHE B 147 -10.72 24.65 34.31
CA PHE B 147 -9.67 25.52 33.80
C PHE B 147 -8.79 24.79 32.79
N LEU B 148 -8.38 23.57 33.09
CA LEU B 148 -7.69 22.73 32.11
C LEU B 148 -8.65 21.79 31.40
N GLN B 149 -9.74 22.34 30.86
CA GLN B 149 -10.68 21.58 30.05
C GLN B 149 -10.67 21.97 28.59
N LYS B 150 -10.34 23.24 28.29
CA LYS B 150 -10.19 23.65 26.91
C LYS B 150 -9.00 22.96 26.25
N TRP B 151 -7.97 22.65 27.02
CA TRP B 151 -6.74 22.08 26.46
C TRP B 151 -6.62 20.57 26.66
N ILE B 152 -7.35 19.98 27.61
CA ILE B 152 -7.38 18.53 27.70
C ILE B 152 -8.30 17.93 26.66
N THR B 153 -9.19 18.73 26.07
CA THR B 153 -10.09 18.25 25.04
C THR B 153 -9.34 17.70 23.83
N PRO B 154 -8.29 18.38 23.32
CA PRO B 154 -7.52 17.77 22.23
C PRO B 154 -6.81 16.49 22.64
N LEU B 155 -6.41 16.37 23.90
CA LEU B 155 -5.74 15.15 24.35
C LEU B 155 -6.70 13.97 24.38
N VAL B 156 -7.93 14.18 24.83
CA VAL B 156 -8.92 13.13 24.81
C VAL B 156 -9.34 12.77 23.39
N ILE B 157 -9.24 13.71 22.46
CA ILE B 157 -9.65 13.46 21.08
C ILE B 157 -8.56 12.70 20.33
N TRP B 158 -7.30 13.14 20.48
CA TRP B 158 -6.20 12.52 19.75
C TRP B 158 -5.91 11.11 20.25
N GLN B 159 -6.07 10.87 21.55
CA GLN B 159 -5.83 9.54 22.10
C GLN B 159 -6.97 8.58 21.85
N ALA B 160 -8.16 9.08 21.50
CA ALA B 160 -9.34 8.23 21.35
C ALA B 160 -9.36 7.61 19.95
N THR B 161 -8.28 6.88 19.65
CA THR B 161 -8.24 5.96 18.52
C THR B 161 -8.82 4.65 19.01
N THR B 162 -8.80 3.62 18.16
CA THR B 162 -9.13 2.27 18.61
C THR B 162 -10.53 2.22 19.22
N PRO B 163 -11.59 2.17 18.40
CA PRO B 163 -12.95 2.38 18.92
C PRO B 163 -13.29 1.64 20.21
N VAL B 164 -12.47 0.69 20.65
CA VAL B 164 -12.64 0.11 21.98
C VAL B 164 -12.54 1.17 23.08
N ASP B 165 -11.95 2.32 22.79
CA ASP B 165 -11.78 3.40 23.75
C ASP B 165 -12.99 4.31 23.87
N VAL B 166 -14.17 3.85 23.46
CA VAL B 166 -15.37 4.67 23.44
C VAL B 166 -16.39 4.07 24.40
N LYS B 167 -15.91 3.52 25.51
CA LYS B 167 -16.80 2.88 26.47
C LYS B 167 -17.83 3.88 26.99
N PRO B 168 -19.07 3.45 27.22
CA PRO B 168 -20.13 4.40 27.58
C PRO B 168 -19.95 5.08 28.92
N TRP B 169 -19.17 4.51 29.83
CA TRP B 169 -18.92 5.19 31.10
C TRP B 169 -18.20 6.50 30.87
N LYS B 170 -17.50 6.62 29.75
CA LYS B 170 -16.93 7.91 29.37
C LYS B 170 -18.02 8.89 28.96
N LEU B 171 -18.99 8.43 28.17
CA LEU B 171 -20.08 9.30 27.74
C LEU B 171 -20.94 9.75 28.92
N SER B 172 -21.06 8.91 29.95
CA SER B 172 -21.79 9.32 31.15
C SER B 172 -21.12 10.48 31.86
N ILE B 173 -19.80 10.63 31.70
CA ILE B 173 -19.08 11.74 32.29
C ILE B 173 -18.98 12.93 31.35
N ILE B 174 -18.84 12.67 30.05
CA ILE B 174 -18.83 13.75 29.06
C ILE B 174 -20.13 14.55 29.13
N LYS B 175 -21.27 13.86 28.96
CA LYS B 175 -22.56 14.54 28.94
C LYS B 175 -22.85 15.20 30.28
N ARG B 176 -22.50 14.55 31.40
CA ARG B 176 -22.80 15.10 32.70
C ARG B 176 -22.11 16.44 32.93
N CYS B 177 -20.96 16.66 32.30
CA CYS B 177 -20.27 17.94 32.42
C CYS B 177 -20.75 18.97 31.41
N ALA B 178 -21.39 18.55 30.32
CA ALA B 178 -21.87 19.51 29.34
C ALA B 178 -23.15 20.19 29.82
N MET B 179 -24.08 19.43 30.41
CA MET B 179 -25.32 19.98 30.95
C MET B 179 -25.12 20.60 32.32
N HIS B 180 -23.90 20.84 32.73
CA HIS B 180 -23.64 21.36 34.06
C HIS B 180 -23.60 22.87 34.03
N PRO B 181 -24.30 23.55 34.96
CA PRO B 181 -24.32 25.02 34.94
C PRO B 181 -22.94 25.67 34.91
N GLY B 182 -22.09 25.38 35.87
CA GLY B 182 -20.89 26.17 36.07
C GLY B 182 -19.64 25.71 35.36
N TYR B 183 -19.69 25.59 34.03
CA TYR B 183 -18.51 25.23 33.26
C TYR B 183 -18.16 26.27 32.21
N ARG B 184 -19.15 26.77 31.46
CA ARG B 184 -19.02 27.92 30.56
C ARG B 184 -18.22 27.59 29.31
N ASP B 185 -17.56 26.43 29.27
CA ASP B 185 -16.88 26.00 28.06
C ASP B 185 -17.01 24.50 27.82
N ALA B 186 -17.88 23.81 28.55
CA ALA B 186 -18.02 22.37 28.44
C ALA B 186 -18.80 21.92 27.20
N PRO B 187 -19.89 22.60 26.79
CA PRO B 187 -20.63 22.11 25.62
C PRO B 187 -19.81 22.05 24.35
N GLY B 188 -19.01 23.08 24.07
CA GLY B 188 -18.17 23.10 22.90
C GLY B 188 -16.99 22.15 22.94
N SER B 189 -16.68 21.58 24.09
CA SER B 189 -15.66 20.54 24.21
C SER B 189 -16.27 19.14 24.29
N ALA B 190 -17.34 18.99 25.07
CA ALA B 190 -18.05 17.72 25.10
C ALA B 190 -18.57 17.35 23.72
N THR B 191 -19.03 18.35 22.96
CA THR B 191 -19.53 18.05 21.62
C THR B 191 -18.41 17.59 20.69
N LEU B 192 -17.22 18.18 20.81
CA LEU B 192 -16.09 17.74 20.01
C LEU B 192 -15.68 16.32 20.38
N ILE B 193 -15.64 16.02 21.69
CA ILE B 193 -15.28 14.69 22.13
C ILE B 193 -16.30 13.66 21.64
N LEU B 194 -17.58 14.03 21.66
CA LEU B 194 -18.61 13.11 21.20
C LEU B 194 -18.55 12.93 19.68
N GLN B 195 -18.26 14.00 18.94
CA GLN B 195 -18.10 13.86 17.49
C GLN B 195 -16.92 12.97 17.15
N ARG B 196 -15.83 13.07 17.91
CA ARG B 196 -14.71 12.15 17.71
C ARG B 196 -15.11 10.72 18.02
N PHE B 197 -15.75 10.50 19.17
CA PHE B 197 -16.24 9.18 19.53
C PHE B 197 -17.19 8.60 18.49
N GLN B 198 -17.96 9.49 17.86
CA GLN B 198 -18.89 9.10 16.81
C GLN B 198 -18.20 8.58 15.55
N CYS B 199 -17.11 9.24 15.16
CA CYS B 199 -16.35 8.82 13.98
C CYS B 199 -15.75 7.46 14.22
N LEU B 200 -15.23 7.29 15.44
CA LEU B 200 -14.62 6.05 15.86
C LEU B 200 -15.56 4.85 15.96
N VAL B 201 -16.81 5.04 16.38
CA VAL B 201 -17.61 3.84 16.58
C VAL B 201 -18.92 3.91 15.78
N GLY B 202 -18.93 4.70 14.71
CA GLY B 202 -20.06 4.65 13.80
C GLY B 202 -21.23 5.48 14.29
N ALA B 203 -22.45 4.93 14.14
CA ALA B 203 -23.66 5.71 14.45
C ALA B 203 -23.85 5.85 15.94
N SER B 204 -24.05 4.74 16.65
CA SER B 204 -24.10 4.72 18.11
C SER B 204 -25.11 5.72 18.66
N SER B 205 -26.38 5.40 18.43
CA SER B 205 -27.53 6.25 18.75
C SER B 205 -27.39 7.03 20.05
N GLN B 206 -26.76 6.43 21.07
CA GLN B 206 -26.49 7.16 22.30
C GLN B 206 -25.68 8.42 22.03
N ILE B 207 -24.63 8.31 21.22
CA ILE B 207 -23.78 9.46 20.94
C ILE B 207 -24.56 10.55 20.25
N THR B 208 -25.35 10.18 19.22
CA THR B 208 -26.06 11.18 18.44
C THR B 208 -27.26 11.76 19.18
N GLU B 209 -27.82 11.04 20.15
CA GLU B 209 -28.87 11.62 20.99
C GLU B 209 -28.29 12.46 22.11
N SER B 210 -27.03 12.23 22.48
CA SER B 210 -26.34 13.11 23.42
C SER B 210 -25.78 14.35 22.75
N ILE B 211 -25.52 14.29 21.45
CA ILE B 211 -25.02 15.47 20.74
C ILE B 211 -26.12 16.52 20.64
N ILE B 212 -27.32 16.12 20.19
CA ILE B 212 -28.43 17.05 20.28
C ILE B 212 -29.12 16.86 21.63
N THR B 213 -28.42 17.26 22.69
CA THR B 213 -28.98 17.61 23.99
C THR B 213 -28.28 18.80 24.61
N ILE B 214 -27.05 19.08 24.19
CA ILE B 214 -26.17 20.08 24.75
C ILE B 214 -25.78 21.05 23.63
N ASN B 215 -26.70 21.23 22.69
CA ASN B 215 -26.40 21.84 21.40
C ASN B 215 -25.58 23.11 21.53
N CYS B 216 -24.54 23.22 20.71
CA CYS B 216 -23.80 24.45 20.53
C CYS B 216 -24.25 25.12 19.24
N ASN B 217 -24.40 26.44 19.28
CA ASN B 217 -25.02 27.16 18.17
C ASN B 217 -24.05 27.45 17.03
N ARG B 218 -23.31 26.45 16.58
CA ARG B 218 -22.54 26.51 15.35
C ARG B 218 -21.47 27.60 15.38
N LYS B 219 -21.37 28.34 16.47
CA LYS B 219 -20.40 29.41 16.62
C LYS B 219 -19.40 29.12 17.73
N THR B 220 -19.88 28.84 18.94
CA THR B 220 -19.01 28.30 19.97
C THR B 220 -18.96 26.79 19.91
N LEU B 221 -18.83 26.29 18.68
CA LEU B 221 -18.37 24.95 18.32
C LEU B 221 -17.27 25.03 17.28
N LYS B 222 -17.38 26.02 16.40
CA LYS B 222 -16.36 26.29 15.42
C LYS B 222 -15.23 27.00 16.17
N SER B 223 -15.59 27.84 17.14
CA SER B 223 -14.58 28.50 17.96
C SER B 223 -13.75 27.51 18.76
N HIS B 224 -14.24 26.28 18.90
CA HIS B 224 -13.52 25.23 19.61
C HIS B 224 -12.86 24.22 18.68
N ARG B 225 -13.38 24.03 17.47
CA ARG B 225 -12.69 23.18 16.51
C ARG B 225 -11.35 23.78 16.12
N ASN B 226 -11.28 25.09 15.97
CA ASN B 226 -10.06 25.75 15.51
C ASN B 226 -9.05 25.77 16.64
N LEU B 227 -8.18 24.77 16.67
CA LEU B 227 -7.11 24.68 17.66
C LEU B 227 -5.94 25.52 17.15
N LYS B 228 -5.60 26.57 17.89
CA LYS B 228 -4.55 27.50 17.48
C LYS B 228 -3.25 27.10 18.19
N LEU B 229 -2.43 26.30 17.51
CA LEU B 229 -1.13 25.93 18.03
C LEU B 229 -0.13 27.04 17.73
N ASP B 230 0.60 27.49 18.73
CA ASP B 230 1.60 28.54 18.56
C ASP B 230 2.60 28.14 17.49
N ALA B 231 2.66 28.95 16.43
CA ALA B 231 3.53 28.63 15.30
C ALA B 231 4.99 28.94 15.60
N HIS B 232 5.26 29.93 16.45
CA HIS B 232 6.64 30.23 16.82
C HIS B 232 7.23 29.08 17.65
N PHE B 233 6.48 28.62 18.64
CA PHE B 233 6.89 27.47 19.43
C PHE B 233 7.16 26.26 18.54
N LEU B 234 6.23 25.96 17.64
CA LEU B 234 6.38 24.79 16.79
C LEU B 234 7.54 24.94 15.82
N SER B 235 7.81 26.17 15.35
CA SER B 235 8.96 26.37 14.47
C SER B 235 10.27 26.11 15.22
N ILE B 236 10.40 26.68 16.42
CA ILE B 236 11.60 26.43 17.21
C ILE B 236 11.73 24.95 17.52
N LEU B 237 10.60 24.27 17.76
CA LEU B 237 10.63 22.86 18.11
C LEU B 237 11.06 22.01 16.92
N LYS B 238 10.53 22.31 15.73
CA LYS B 238 10.97 21.62 14.53
C LYS B 238 12.46 21.80 14.29
N ARG B 239 12.94 23.04 14.47
CA ARG B 239 14.37 23.30 14.31
C ARG B 239 15.18 22.44 15.28
N ILE B 240 14.80 22.45 16.56
CA ILE B 240 15.57 21.73 17.58
C ILE B 240 15.56 20.24 17.30
N LEU B 241 14.40 19.69 16.92
CA LEU B 241 14.30 18.27 16.65
C LEU B 241 15.14 17.88 15.44
N SER B 242 15.01 18.63 14.34
CA SER B 242 15.76 18.30 13.14
C SER B 242 17.26 18.40 13.37
N ARG B 243 17.71 19.41 14.11
CA ARG B 243 19.14 19.56 14.36
C ARG B 243 19.65 18.50 15.32
N ALA B 244 18.83 18.10 16.30
CA ALA B 244 19.27 17.15 17.31
C ALA B 244 19.14 15.70 16.87
N HIS B 245 18.23 15.40 15.96
CA HIS B 245 17.99 14.03 15.49
C HIS B 245 17.71 14.05 14.00
N PRO B 246 18.76 14.02 13.17
CA PRO B 246 18.53 13.90 11.73
C PRO B 246 17.81 12.60 11.41
N ALA B 247 17.02 12.64 10.34
CA ALA B 247 16.23 11.51 9.87
C ALA B 247 15.29 10.95 10.92
N ASN B 248 15.05 11.71 11.99
CA ASN B 248 14.14 11.30 13.06
C ASN B 248 13.58 12.59 13.64
N PHE B 249 12.33 12.90 13.29
CA PHE B 249 11.73 14.23 13.37
C PHE B 249 12.41 15.21 12.41
N PRO B 250 12.38 14.99 11.10
CA PRO B 250 12.73 16.06 10.17
C PRO B 250 11.55 17.01 10.01
N ALA B 251 11.86 18.26 9.66
CA ALA B 251 10.87 19.33 9.63
C ALA B 251 9.61 18.96 8.85
N ASP B 252 9.78 18.29 7.71
CA ASP B 252 8.63 17.95 6.89
C ASP B 252 7.68 16.98 7.59
N THR B 253 8.21 15.91 8.17
CA THR B 253 7.36 14.96 8.86
C THR B 253 6.73 15.54 10.12
N VAL B 254 7.47 16.37 10.85
CA VAL B 254 6.92 17.00 12.04
C VAL B 254 5.76 17.92 11.66
N GLN B 255 5.94 18.71 10.60
CA GLN B 255 4.87 19.60 10.18
C GLN B 255 3.67 18.82 9.66
N ASN B 256 3.91 17.77 8.88
CA ASN B 256 2.82 16.93 8.40
C ASN B 256 2.06 16.31 9.56
N THR B 257 2.76 15.91 10.62
CA THR B 257 2.11 15.28 11.76
C THR B 257 1.27 16.28 12.53
N ILE B 258 1.84 17.45 12.83
CA ILE B 258 1.08 18.49 13.52
C ILE B 258 -0.16 18.86 12.73
N ASP B 259 -0.01 18.97 11.40
CA ASP B 259 -1.16 19.33 10.58
C ASP B 259 -2.16 18.20 10.48
N MET B 260 -1.71 16.94 10.56
CA MET B 260 -2.65 15.82 10.60
C MET B 260 -3.49 15.86 11.86
N TYR B 261 -2.86 16.13 13.00
CA TYR B 261 -3.62 16.22 14.25
C TYR B 261 -4.60 17.39 14.23
N LEU B 262 -4.13 18.56 13.80
CA LEU B 262 -5.01 19.72 13.70
C LEU B 262 -6.14 19.46 12.71
N SER B 263 -5.87 18.72 11.63
CA SER B 263 -6.92 18.43 10.67
C SER B 263 -7.92 17.45 11.21
N GLU B 264 -7.49 16.50 12.05
CA GLU B 264 -8.45 15.65 12.75
C GLU B 264 -9.39 16.49 13.60
N ILE B 265 -8.82 17.38 14.41
CA ILE B 265 -9.67 18.21 15.29
C ILE B 265 -10.59 19.10 14.46
N HIS B 266 -10.12 19.58 13.32
CA HIS B 266 -10.95 20.44 12.47
C HIS B 266 -12.09 19.65 11.83
N GLN B 267 -11.72 18.62 11.08
CA GLN B 267 -12.69 17.78 10.38
C GLN B 267 -13.68 17.07 11.29
N LEU B 268 -13.40 17.02 12.59
CA LEU B 268 -14.31 16.37 13.52
C LEU B 268 -15.78 16.46 13.09
N GLY B 269 -16.29 17.67 12.91
CA GLY B 269 -17.72 17.85 12.68
C GLY B 269 -18.22 17.39 11.33
N ALA B 270 -17.32 17.25 10.35
CA ALA B 270 -17.73 16.87 9.01
C ALA B 270 -18.37 15.49 8.99
N ASP B 271 -17.62 14.47 9.38
CA ASP B 271 -18.13 13.10 9.37
C ASP B 271 -17.89 12.41 10.71
N GLN B 279 -10.12 -3.91 15.06
CA GLN B 279 -11.41 -3.73 15.72
C GLN B 279 -12.14 -5.06 15.82
N SER B 280 -11.44 -6.11 16.19
CA SER B 280 -12.01 -7.45 16.23
C SER B 280 -12.59 -7.80 17.59
N LEU B 281 -11.76 -7.80 18.64
CA LEU B 281 -12.20 -8.12 20.00
C LEU B 281 -11.05 -7.95 20.99
N PRO B 282 -11.34 -7.68 22.25
CA PRO B 282 -10.28 -7.68 23.27
C PRO B 282 -9.84 -9.10 23.59
N GLU B 283 -8.57 -9.22 24.03
CA GLU B 283 -7.99 -10.53 24.23
C GLU B 283 -7.24 -10.66 25.55
N TYR B 284 -7.53 -9.80 26.53
CA TYR B 284 -6.85 -9.83 27.83
C TYR B 284 -5.34 -9.69 27.67
N VAL B 285 -4.93 -8.48 27.34
CA VAL B 285 -3.52 -8.10 27.33
C VAL B 285 -2.87 -8.59 28.62
N PRO B 286 -2.00 -9.62 28.57
CA PRO B 286 -1.52 -10.23 29.82
C PRO B 286 -0.49 -9.37 30.54
N SER B 287 0.45 -8.80 29.81
CA SER B 287 1.56 -8.07 30.41
C SER B 287 1.27 -6.58 30.45
N ASP B 288 1.93 -5.90 31.39
CA ASP B 288 1.80 -4.46 31.51
C ASP B 288 2.65 -3.71 30.50
N SER B 289 3.62 -4.38 29.87
CA SER B 289 4.47 -3.77 28.85
C SER B 289 4.44 -4.65 27.62
N THR B 290 3.41 -4.46 26.78
CA THR B 290 3.32 -5.10 25.47
C THR B 290 2.77 -4.05 24.51
N VAL B 291 3.67 -3.29 23.89
CA VAL B 291 3.26 -2.27 22.93
C VAL B 291 2.67 -2.95 21.72
N SER B 292 1.37 -2.73 21.48
CA SER B 292 0.72 -3.32 20.32
C SER B 292 1.41 -2.81 19.07
N LEU B 293 1.12 -3.41 17.93
CA LEU B 293 1.76 -2.99 16.68
C LEU B 293 1.03 -1.81 16.04
N TRP B 294 -0.30 -1.81 16.12
CA TRP B 294 -1.08 -0.73 15.53
C TRP B 294 -0.73 0.62 16.15
N ASP B 295 -0.55 0.64 17.46
CA ASP B 295 -0.23 1.86 18.19
C ASP B 295 1.11 2.48 17.81
N VAL B 296 2.06 1.66 17.38
CA VAL B 296 3.38 2.16 17.04
C VAL B 296 3.26 3.16 15.90
N THR B 297 3.74 4.38 16.15
CA THR B 297 3.57 5.46 15.18
C THR B 297 4.79 5.61 14.27
N SER B 298 5.97 5.73 14.85
CA SER B 298 7.19 5.98 14.10
C SER B 298 8.08 4.74 14.11
N LEU B 299 9.23 4.87 13.45
CA LEU B 299 10.18 3.76 13.40
C LEU B 299 11.04 3.69 14.65
N GLU B 300 11.39 4.85 15.22
CA GLU B 300 12.14 4.86 16.47
C GLU B 300 11.34 4.21 17.59
N GLN B 301 10.04 4.45 17.63
CA GLN B 301 9.21 3.78 18.64
C GLN B 301 9.11 2.29 18.37
N LEU B 302 9.07 1.89 17.10
CA LEU B 302 9.06 0.47 16.75
C LEU B 302 10.33 -0.21 17.23
N ALA B 303 11.46 0.47 17.11
CA ALA B 303 12.73 -0.13 17.52
C ALA B 303 12.92 -0.09 19.03
N GLN B 304 12.40 0.94 19.70
CA GLN B 304 12.51 1.00 21.15
C GLN B 304 11.61 -0.04 21.80
N ASN B 305 10.39 -0.21 21.31
CA ASN B 305 9.45 -1.19 21.84
C ASN B 305 9.51 -2.50 21.08
N TRP B 306 10.67 -2.83 20.50
CA TRP B 306 10.76 -4.04 19.69
C TRP B 306 10.66 -5.32 20.53
N PRO B 307 11.44 -5.50 21.59
CA PRO B 307 11.32 -6.76 22.35
C PRO B 307 9.95 -6.95 22.99
N GLN B 308 9.19 -5.88 23.17
CA GLN B 308 7.88 -5.94 23.80
C GLN B 308 6.73 -5.88 22.81
N LEU B 309 7.02 -5.90 21.50
CA LEU B 309 5.99 -5.78 20.48
C LEU B 309 4.93 -6.86 20.60
N HIS B 310 3.77 -6.62 20.01
CA HIS B 310 2.67 -7.59 20.00
C HIS B 310 1.92 -7.43 18.70
N ILE B 311 2.05 -8.42 17.81
CA ILE B 311 1.33 -8.42 16.54
C ILE B 311 -0.03 -9.07 16.76
N PRO B 312 -1.12 -8.34 16.68
CA PRO B 312 -2.44 -8.93 16.87
C PRO B 312 -2.83 -9.76 15.64
N ASN B 313 -4.01 -10.38 15.73
CA ASN B 313 -4.51 -11.24 14.67
C ASN B 313 -5.44 -10.51 13.71
N ASP B 314 -5.25 -9.21 13.52
CA ASP B 314 -6.00 -8.45 12.53
C ASP B 314 -5.22 -8.42 11.21
N VAL B 315 -5.03 -9.62 10.65
CA VAL B 315 -4.32 -9.73 9.39
C VAL B 315 -5.14 -9.12 8.26
N ASP B 316 -6.42 -9.43 8.23
CA ASP B 316 -7.30 -8.90 7.20
C ASP B 316 -7.27 -7.38 7.22
N TYR B 317 -6.76 -6.82 8.31
CA TYR B 317 -6.69 -5.37 8.47
C TYR B 317 -5.31 -4.82 8.16
N MET B 318 -4.26 -5.51 8.62
CA MET B 318 -2.91 -5.05 8.38
C MET B 318 -2.48 -5.25 6.93
N MET B 319 -3.17 -6.13 6.21
CA MET B 319 -2.81 -6.39 4.83
C MET B 319 -3.63 -5.55 3.86
N LYS B 320 -4.96 -5.68 3.93
CA LYS B 320 -5.82 -4.95 3.02
C LYS B 320 -5.72 -3.45 3.32
N PRO B 321 -5.82 -2.59 2.28
CA PRO B 321 -5.73 -1.14 2.45
C PRO B 321 -6.93 -0.56 3.20
N ARG B 331 3.57 8.96 2.52
CA ARG B 331 3.30 8.83 3.95
C ARG B 331 4.45 9.41 4.77
N LYS B 332 4.42 10.73 4.96
CA LYS B 332 5.42 11.42 5.76
C LYS B 332 4.96 11.66 7.20
N VAL B 333 3.68 11.55 7.48
CA VAL B 333 3.19 11.75 8.84
C VAL B 333 3.68 10.63 9.74
N MET B 334 3.79 10.92 11.02
CA MET B 334 4.10 9.91 12.03
C MET B 334 2.80 9.39 12.67
N SER B 335 1.91 8.91 11.81
CA SER B 335 0.62 8.42 12.25
C SER B 335 0.72 6.98 12.71
N ARG B 336 -0.41 6.42 13.16
CA ARG B 336 -0.44 5.01 13.52
C ARG B 336 -0.42 4.12 12.29
N ASP B 337 -0.87 4.65 11.14
CA ASP B 337 -0.82 3.94 9.87
C ASP B 337 0.43 4.29 9.06
N SER B 338 1.42 4.94 9.67
CA SER B 338 2.62 5.31 8.93
C SER B 338 3.44 4.09 8.55
N LEU B 339 3.27 2.97 9.26
CA LEU B 339 4.03 1.75 9.00
C LEU B 339 3.16 0.63 8.47
N LYS B 340 2.01 0.94 7.87
CA LYS B 340 1.14 -0.11 7.37
C LYS B 340 1.78 -0.85 6.20
N HIS B 341 2.74 -0.21 5.54
CA HIS B 341 3.48 -0.90 4.48
C HIS B 341 4.58 -1.78 5.03
N LEU B 342 5.03 -1.52 6.26
CA LEU B 342 6.03 -2.34 6.92
C LEU B 342 5.42 -3.41 7.81
N TYR B 343 4.11 -3.39 8.02
CA TYR B 343 3.47 -4.39 8.87
C TYR B 343 3.88 -5.80 8.48
N SER B 344 3.63 -6.17 7.21
CA SER B 344 3.92 -7.54 6.78
C SER B 344 5.40 -7.85 6.81
N SER B 345 6.25 -6.83 6.74
CA SER B 345 7.69 -7.06 6.77
C SER B 345 8.20 -7.27 8.19
N ILE B 346 7.60 -6.59 9.17
CA ILE B 346 8.07 -6.69 10.54
C ILE B 346 7.26 -7.73 11.30
N ILE B 347 6.55 -8.57 10.54
CA ILE B 347 5.90 -9.75 11.09
C ILE B 347 6.66 -11.02 10.73
N LEU B 348 7.15 -11.10 9.49
CA LEU B 348 8.05 -12.19 9.11
C LEU B 348 9.39 -12.08 9.82
N ILE B 349 9.67 -10.95 10.47
CA ILE B 349 10.91 -10.80 11.22
C ILE B 349 10.74 -11.25 12.66
N LYS B 350 9.64 -10.83 13.31
CA LYS B 350 9.42 -11.18 14.70
C LYS B 350 9.42 -12.69 14.89
N ASN B 351 8.47 -13.38 14.29
CA ASN B 351 8.54 -14.81 14.11
C ASN B 351 9.23 -15.05 12.76
N SER B 352 10.24 -15.90 12.77
CA SER B 352 10.98 -16.14 11.55
C SER B 352 9.95 -16.65 10.55
N ARG B 353 10.25 -16.49 9.26
CA ARG B 353 9.28 -16.87 8.25
C ARG B 353 9.04 -18.34 8.43
N ASP B 354 7.81 -18.59 8.85
CA ASP B 354 7.30 -19.90 9.17
C ASP B 354 6.14 -20.09 8.26
N GLU B 355 6.10 -21.23 7.64
CA GLU B 355 5.05 -21.52 6.67
C GLU B 355 3.66 -21.20 7.21
N SER B 356 3.56 -20.76 8.47
CA SER B 356 2.28 -20.46 9.09
C SER B 356 2.14 -18.98 9.46
N SER B 357 2.97 -18.11 8.89
CA SER B 357 2.85 -16.69 9.19
C SER B 357 1.54 -16.14 8.64
N SER B 358 1.22 -14.92 9.08
CA SER B 358 -0.04 -14.30 8.68
C SER B 358 0.00 -13.77 7.25
N PRO B 359 1.05 -13.07 6.80
CA PRO B 359 1.04 -12.61 5.41
C PRO B 359 1.13 -13.74 4.40
N TYR B 360 1.89 -14.79 4.69
CA TYR B 360 1.96 -15.94 3.78
C TYR B 360 0.57 -16.53 3.54
N GLU B 361 -0.07 -16.98 4.62
CA GLU B 361 -1.39 -17.59 4.49
C GLU B 361 -2.41 -16.61 3.96
N TRP B 362 -2.29 -15.32 4.32
CA TRP B 362 -3.24 -14.33 3.81
C TRP B 362 -3.13 -14.21 2.30
N CYS B 363 -1.90 -14.09 1.81
CA CYS B 363 -1.64 -13.97 0.37
C CYS B 363 -2.11 -15.19 -0.39
N ILE B 364 -1.88 -16.36 0.18
CA ILE B 364 -2.29 -17.60 -0.48
C ILE B 364 -3.81 -17.73 -0.51
N TRP B 365 -4.47 -17.40 0.59
CA TRP B 365 -5.93 -17.48 0.62
C TRP B 365 -6.56 -16.44 -0.29
N GLN B 366 -5.97 -15.25 -0.37
CA GLN B 366 -6.49 -14.23 -1.28
C GLN B 366 -6.28 -14.63 -2.73
N LEU B 367 -5.20 -15.34 -3.05
CA LEU B 367 -5.06 -15.87 -4.40
C LEU B 367 -6.10 -16.95 -4.69
N LYS B 368 -6.30 -17.85 -3.74
CA LYS B 368 -7.31 -18.90 -3.92
C LYS B 368 -8.69 -18.31 -4.10
N ARG B 369 -8.99 -17.18 -3.46
CA ARG B 369 -10.26 -16.52 -3.64
C ARG B 369 -10.27 -15.51 -4.78
N CYS B 370 -9.11 -15.26 -5.40
CA CYS B 370 -9.09 -14.49 -6.64
C CYS B 370 -9.27 -15.36 -7.87
N PHE B 371 -8.77 -16.60 -7.83
CA PHE B 371 -8.96 -17.51 -8.96
C PHE B 371 -10.43 -17.93 -9.06
N ALA B 372 -10.97 -18.52 -7.99
CA ALA B 372 -12.40 -18.67 -7.87
C ALA B 372 -12.98 -17.29 -7.57
N HIS B 373 -13.76 -16.76 -8.49
CA HIS B 373 -14.05 -15.32 -8.48
C HIS B 373 -14.95 -14.94 -7.32
N GLN B 374 -14.42 -15.06 -6.09
CA GLN B 374 -15.14 -14.72 -4.87
C GLN B 374 -14.71 -13.38 -4.30
N ILE B 375 -14.22 -12.48 -5.15
CA ILE B 375 -13.75 -11.17 -4.72
C ILE B 375 -14.32 -10.11 -5.66
N GLU B 376 -14.59 -8.93 -5.10
CA GLU B 376 -15.10 -7.76 -5.85
C GLU B 376 -14.16 -7.00 -6.84
N THR B 377 -12.95 -6.67 -6.41
CA THR B 377 -11.95 -6.00 -7.23
C THR B 377 -10.61 -6.71 -7.09
N PRO B 378 -10.32 -7.69 -7.95
CA PRO B 378 -9.00 -8.33 -7.91
C PRO B 378 -7.87 -7.35 -8.15
N GLN B 379 -8.09 -6.33 -8.98
CA GLN B 379 -7.08 -5.34 -9.29
C GLN B 379 -6.61 -4.56 -8.07
N GLU B 380 -7.31 -4.67 -6.93
CA GLU B 380 -6.93 -3.97 -5.72
C GLU B 380 -6.14 -4.83 -4.74
N VAL B 381 -6.37 -6.14 -4.78
CA VAL B 381 -5.68 -7.09 -3.90
C VAL B 381 -4.53 -7.87 -4.55
N ILE B 382 -4.44 -7.87 -5.88
CA ILE B 382 -3.38 -8.58 -6.58
C ILE B 382 -2.04 -7.86 -6.40
N PRO B 383 -1.96 -6.54 -6.53
CA PRO B 383 -0.68 -5.87 -6.23
C PRO B 383 -0.24 -6.07 -4.79
N ILE B 384 -1.17 -6.22 -3.85
CA ILE B 384 -0.79 -6.47 -2.47
C ILE B 384 -0.19 -7.86 -2.30
N ILE B 385 -0.63 -8.82 -3.10
CA ILE B 385 -0.05 -10.17 -3.07
C ILE B 385 1.30 -10.20 -3.75
N ILE B 386 1.42 -9.54 -4.91
CA ILE B 386 2.69 -9.51 -5.63
C ILE B 386 3.74 -8.74 -4.85
N SER B 387 3.32 -7.73 -4.08
CA SER B 387 4.29 -6.93 -3.34
C SER B 387 4.87 -7.71 -2.16
N VAL B 388 4.07 -8.57 -1.53
CA VAL B 388 4.55 -9.31 -0.37
C VAL B 388 5.27 -10.59 -0.77
N SER B 389 5.01 -11.12 -1.97
CA SER B 389 5.56 -12.41 -2.37
C SER B 389 6.71 -12.30 -3.36
N SER B 390 6.76 -11.24 -4.16
CA SER B 390 7.86 -11.11 -5.11
C SER B 390 9.18 -10.88 -4.38
N MET B 391 9.14 -10.28 -3.19
CA MET B 391 10.34 -10.00 -2.41
C MET B 391 10.55 -11.00 -1.28
N ASP B 392 9.92 -12.18 -1.36
CA ASP B 392 10.05 -13.20 -0.34
C ASP B 392 10.09 -14.55 -1.03
N ASN B 393 11.24 -15.23 -1.00
CA ASN B 393 11.41 -16.45 -1.77
C ASN B 393 10.60 -17.60 -1.18
N LYS B 394 10.56 -17.70 0.16
CA LYS B 394 9.87 -18.83 0.78
C LYS B 394 8.38 -18.82 0.47
N LEU B 395 7.82 -17.65 0.17
CA LEU B 395 6.43 -17.55 -0.25
C LEU B 395 6.30 -17.59 -1.76
N SER B 396 7.20 -16.92 -2.48
CA SER B 396 7.22 -16.98 -3.93
C SER B 396 7.44 -18.40 -4.44
N SER B 397 7.99 -19.28 -3.61
CA SER B 397 8.24 -20.66 -3.99
C SER B 397 7.06 -21.57 -3.72
N ARG B 398 6.10 -21.15 -2.89
CA ARG B 398 4.90 -21.94 -2.65
C ARG B 398 3.76 -21.52 -3.56
N ILE B 399 3.67 -20.22 -3.89
CA ILE B 399 2.72 -19.77 -4.89
C ILE B 399 2.97 -20.46 -6.22
N ILE B 400 4.25 -20.73 -6.53
CA ILE B 400 4.58 -21.41 -7.77
C ILE B 400 4.14 -22.86 -7.73
N GLN B 401 4.36 -23.55 -6.60
CA GLN B 401 3.94 -24.93 -6.51
C GLN B 401 2.43 -25.08 -6.50
N THR B 402 1.72 -24.10 -5.94
CA THR B 402 0.27 -24.20 -5.81
C THR B 402 -0.44 -23.79 -7.09
N PHE B 403 -0.23 -22.56 -7.54
CA PHE B 403 -1.07 -21.97 -8.57
C PHE B 403 -0.49 -22.07 -9.98
N CYS B 404 0.82 -22.26 -10.12
CA CYS B 404 1.43 -22.37 -11.45
C CYS B 404 1.25 -23.80 -11.95
N ASN B 405 0.03 -24.08 -12.40
CA ASN B 405 -0.30 -25.36 -13.02
C ASN B 405 -1.55 -25.18 -13.88
N LEU B 406 -1.89 -26.22 -14.63
CA LEU B 406 -3.05 -26.15 -15.52
C LEU B 406 -4.35 -26.08 -14.74
N LYS B 407 -4.36 -26.60 -13.51
CA LYS B 407 -5.58 -26.58 -12.71
C LYS B 407 -6.07 -25.15 -12.48
N TYR B 408 -5.18 -24.26 -12.08
CA TYR B 408 -5.51 -22.86 -11.83
C TYR B 408 -5.36 -22.00 -13.07
N LEU B 409 -5.07 -22.59 -14.22
CA LEU B 409 -5.00 -21.86 -15.48
C LEU B 409 -6.34 -21.81 -16.20
N LYS B 410 -7.07 -22.92 -16.21
CA LYS B 410 -8.43 -22.92 -16.75
C LYS B 410 -9.39 -22.15 -15.85
N LEU B 411 -9.11 -22.06 -14.55
CA LEU B 411 -9.94 -21.27 -13.65
C LEU B 411 -9.87 -19.80 -14.01
N ASP B 412 -8.68 -19.22 -13.99
CA ASP B 412 -8.47 -17.83 -14.38
C ASP B 412 -7.07 -17.69 -14.97
N GLU B 413 -7.00 -17.39 -16.26
CA GLU B 413 -5.70 -17.19 -16.90
C GLU B 413 -5.25 -15.74 -16.83
N LEU B 414 -6.18 -14.80 -16.71
CA LEU B 414 -5.82 -13.40 -16.61
C LEU B 414 -5.18 -13.06 -15.27
N THR B 415 -5.48 -13.84 -14.23
CA THR B 415 -4.89 -13.63 -12.92
C THR B 415 -3.58 -14.39 -12.77
N LEU B 416 -3.50 -15.61 -13.31
CA LEU B 416 -2.26 -16.36 -13.26
C LEU B 416 -1.15 -15.67 -14.03
N LYS B 417 -1.49 -14.94 -15.09
CA LYS B 417 -0.49 -14.21 -15.84
C LYS B 417 0.13 -13.10 -15.00
N LYS B 418 -0.69 -12.41 -14.20
CA LYS B 418 -0.16 -11.36 -13.34
C LYS B 418 0.74 -11.95 -12.25
N VAL B 419 0.33 -13.07 -11.65
CA VAL B 419 1.14 -13.73 -10.64
C VAL B 419 2.49 -14.14 -11.24
N CYS B 420 2.44 -14.85 -12.37
CA CYS B 420 3.68 -15.25 -13.03
C CYS B 420 4.52 -14.06 -13.45
N GLY B 421 3.90 -12.91 -13.72
CA GLY B 421 4.65 -11.73 -14.08
C GLY B 421 5.20 -10.97 -12.90
N GLY B 422 4.73 -11.27 -11.70
CA GLY B 422 5.29 -10.67 -10.51
C GLY B 422 6.19 -11.60 -9.72
N ILE B 423 5.86 -12.90 -9.74
CA ILE B 423 6.54 -13.88 -8.91
C ILE B 423 7.73 -14.51 -9.63
N LEU B 424 7.54 -14.91 -10.89
CA LEU B 424 8.57 -15.68 -11.59
C LEU B 424 9.83 -14.87 -11.90
N PRO B 425 9.68 -13.59 -12.24
CA PRO B 425 10.86 -12.84 -12.67
C PRO B 425 11.91 -12.94 -11.58
N LEU B 426 11.50 -12.86 -10.33
CA LEU B 426 12.46 -13.04 -9.28
C LEU B 426 12.14 -14.34 -8.54
N TRP B 427 12.85 -15.41 -8.89
CA TRP B 427 12.67 -16.66 -8.16
C TRP B 427 13.84 -17.58 -8.46
N LYS B 428 14.61 -17.92 -7.43
CA LYS B 428 15.68 -18.90 -7.52
C LYS B 428 15.27 -20.14 -6.75
N PRO B 429 15.30 -21.31 -7.37
CA PRO B 429 14.83 -22.52 -6.69
C PRO B 429 15.78 -22.96 -5.59
N GLU B 430 15.20 -23.55 -4.55
CA GLU B 430 16.00 -24.09 -3.46
C GLU B 430 16.64 -25.42 -3.82
N LEU B 431 15.97 -26.21 -4.65
CA LEU B 431 16.48 -27.51 -5.10
C LEU B 431 16.50 -27.49 -6.62
N ILE B 432 17.70 -27.45 -7.19
CA ILE B 432 17.91 -27.35 -8.64
C ILE B 432 17.26 -28.53 -9.35
N SER B 433 17.21 -29.68 -8.69
CA SER B 433 16.93 -30.95 -9.35
C SER B 433 15.58 -30.99 -10.07
N GLY B 434 14.48 -30.87 -9.34
CA GLY B 434 13.19 -31.16 -9.92
C GLY B 434 12.44 -30.01 -10.55
N THR B 435 13.13 -28.92 -10.88
CA THR B 435 12.46 -27.73 -11.38
C THR B 435 12.40 -27.66 -12.90
N ARG B 436 13.37 -28.25 -13.61
CA ARG B 436 13.31 -28.24 -15.06
C ARG B 436 12.11 -29.03 -15.57
N GLU B 437 11.89 -30.23 -15.03
CA GLU B 437 10.71 -31.00 -15.40
C GLU B 437 9.43 -30.25 -15.06
N PHE B 438 9.41 -29.60 -13.89
CA PHE B 438 8.22 -28.89 -13.46
C PHE B 438 7.85 -27.78 -14.44
N PHE B 439 8.84 -26.98 -14.84
CA PHE B 439 8.55 -25.87 -15.75
C PHE B 439 8.31 -26.33 -17.18
N VAL B 440 8.96 -27.41 -17.60
CA VAL B 440 8.62 -27.99 -18.90
C VAL B 440 7.16 -28.42 -18.94
N LYS B 441 6.69 -29.09 -17.88
CA LYS B 441 5.29 -29.49 -17.83
C LYS B 441 4.38 -28.28 -17.78
N PHE B 442 4.74 -27.28 -16.97
CA PHE B 442 3.92 -26.08 -16.85
C PHE B 442 3.77 -25.38 -18.20
N MET B 443 4.88 -25.19 -18.91
CA MET B 443 4.83 -24.48 -20.18
C MET B 443 4.19 -25.31 -21.29
N ALA B 444 4.35 -26.63 -21.27
CA ALA B 444 3.63 -27.46 -22.23
C ALA B 444 2.13 -27.40 -22.00
N SER B 445 1.71 -27.41 -20.73
CA SER B 445 0.28 -27.28 -20.43
C SER B 445 -0.24 -25.92 -20.87
N ILE B 446 0.54 -24.86 -20.65
CA ILE B 446 0.12 -23.53 -21.09
C ILE B 446 0.03 -23.48 -22.61
N PHE B 447 0.98 -24.10 -23.31
CA PHE B 447 0.95 -24.11 -24.77
C PHE B 447 -0.29 -24.84 -25.28
N MET B 448 -0.61 -25.98 -24.68
CA MET B 448 -1.79 -26.72 -25.11
C MET B 448 -3.06 -25.95 -24.82
N TRP B 449 -3.16 -25.34 -23.65
CA TRP B 449 -4.38 -24.62 -23.29
C TRP B 449 -4.53 -23.33 -24.09
N SER B 450 -3.43 -22.70 -24.49
CA SER B 450 -3.50 -21.40 -25.14
C SER B 450 -3.76 -21.48 -26.64
N THR B 451 -3.27 -22.52 -27.31
CA THR B 451 -3.41 -22.67 -28.75
C THR B 451 -4.46 -23.73 -29.09
N ARG B 452 -5.45 -23.90 -28.22
CA ARG B 452 -6.47 -24.92 -28.43
C ARG B 452 -7.42 -24.51 -29.55
N ASP B 453 -8.27 -25.45 -29.96
CA ASP B 453 -9.21 -25.19 -31.05
C ASP B 453 -10.24 -24.16 -30.61
N GLY B 454 -10.55 -23.23 -31.52
CA GLY B 454 -11.48 -22.15 -31.23
C GLY B 454 -10.89 -20.99 -30.47
N HIS B 455 -9.79 -21.21 -29.76
CA HIS B 455 -9.08 -20.15 -29.02
C HIS B 455 -7.75 -19.96 -29.76
N ASP B 456 -7.75 -19.09 -30.76
CA ASP B 456 -6.60 -18.94 -31.65
C ASP B 456 -5.36 -18.53 -30.87
N ASN B 457 -5.33 -17.29 -30.36
CA ASN B 457 -4.25 -16.80 -29.54
C ASN B 457 -4.61 -15.46 -28.91
N ASN B 458 -4.20 -15.24 -27.66
CA ASN B 458 -4.38 -13.95 -27.01
C ASN B 458 -3.16 -13.60 -26.15
N CYS B 459 -1.98 -14.07 -26.55
CA CYS B 459 -0.72 -13.75 -25.88
C CYS B 459 -0.69 -14.27 -24.45
N THR B 460 -1.21 -15.48 -24.24
CA THR B 460 -1.12 -16.12 -22.93
C THR B 460 0.18 -16.92 -22.80
N PHE B 461 0.51 -17.71 -23.81
CA PHE B 461 1.74 -18.49 -23.77
C PHE B 461 2.96 -17.61 -24.01
N SER B 462 2.89 -16.72 -25.01
CA SER B 462 4.03 -15.88 -25.32
C SER B 462 4.39 -14.95 -24.16
N GLU B 463 3.39 -14.46 -23.43
CA GLU B 463 3.66 -13.59 -22.30
C GLU B 463 4.18 -14.37 -21.10
N THR B 464 3.57 -15.51 -20.80
CA THR B 464 4.08 -16.35 -19.72
C THR B 464 5.46 -16.90 -20.05
N CYS B 465 5.67 -17.22 -21.31
CA CYS B 465 6.95 -17.70 -21.77
C CYS B 465 7.95 -16.60 -21.57
N PHE B 466 7.52 -15.37 -21.83
CA PHE B 466 8.36 -14.19 -21.67
C PHE B 466 8.77 -14.04 -20.22
N TYR B 467 7.83 -14.27 -19.31
CA TYR B 467 8.11 -14.18 -17.88
C TYR B 467 9.12 -15.23 -17.47
N VAL B 468 8.99 -16.43 -18.04
CA VAL B 468 9.91 -17.53 -17.79
C VAL B 468 11.31 -17.16 -18.28
N LEU B 469 11.35 -16.46 -19.42
CA LEU B 469 12.60 -16.02 -20.00
C LEU B 469 13.27 -15.07 -19.02
N GLN B 470 12.48 -14.21 -18.40
CA GLN B 470 13.02 -13.28 -17.41
C GLN B 470 13.54 -14.05 -16.20
N MET B 471 12.80 -15.05 -15.75
CA MET B 471 13.27 -15.91 -14.66
C MET B 471 14.58 -16.60 -15.03
N ILE B 472 14.69 -17.05 -16.29
CA ILE B 472 15.90 -17.72 -16.74
C ILE B 472 17.08 -16.74 -16.79
N THR B 473 16.83 -15.50 -17.18
CA THR B 473 17.85 -14.47 -17.09
C THR B 473 18.33 -14.31 -15.65
N ASN B 474 17.38 -14.18 -14.72
CA ASN B 474 17.70 -14.06 -13.30
C ASN B 474 18.58 -15.22 -12.84
N TRP B 475 18.20 -16.45 -13.22
CA TRP B 475 18.99 -17.63 -12.88
C TRP B 475 20.39 -17.53 -13.46
N VAL B 476 20.49 -17.46 -14.79
CA VAL B 476 21.74 -17.44 -15.54
C VAL B 476 22.70 -16.41 -14.99
N LEU B 477 22.17 -15.30 -14.47
CA LEU B 477 23.03 -14.24 -13.96
C LEU B 477 23.91 -14.72 -12.81
N ASP B 478 23.42 -15.67 -12.02
CA ASP B 478 24.16 -16.21 -10.88
C ASP B 478 24.42 -17.69 -11.10
N ASP B 479 25.68 -18.10 -10.97
CA ASP B 479 26.07 -19.46 -11.28
C ASP B 479 25.39 -20.45 -10.34
N LYS B 480 25.66 -21.74 -10.58
CA LYS B 480 25.03 -22.90 -9.94
C LYS B 480 23.61 -23.10 -10.45
N LEU B 481 23.14 -22.15 -11.26
CA LEU B 481 21.85 -22.29 -11.94
C LEU B 481 21.99 -22.07 -13.45
N ILE B 482 23.17 -21.65 -13.92
CA ILE B 482 23.37 -21.35 -15.32
C ILE B 482 23.28 -22.60 -16.19
N ALA B 483 23.45 -23.79 -15.61
CA ALA B 483 23.24 -25.02 -16.34
C ALA B 483 21.78 -25.42 -16.37
N LEU B 484 21.04 -25.16 -15.29
CA LEU B 484 19.60 -25.39 -15.30
C LEU B 484 18.90 -24.33 -16.13
N GLY B 485 19.35 -23.08 -16.05
CA GLY B 485 18.74 -21.99 -16.79
C GLY B 485 18.85 -22.15 -18.29
N LEU B 486 20.05 -22.46 -18.77
CA LEU B 486 20.27 -22.58 -20.21
C LEU B 486 19.62 -23.81 -20.82
N THR B 487 19.21 -24.79 -20.01
CA THR B 487 18.45 -25.92 -20.53
C THR B 487 16.97 -25.59 -20.65
N LEU B 488 16.42 -24.93 -19.63
CA LEU B 488 15.07 -24.40 -19.74
C LEU B 488 14.97 -23.40 -20.88
N LEU B 489 16.04 -22.66 -21.16
CA LEU B 489 16.03 -21.72 -22.28
C LEU B 489 15.78 -22.43 -23.60
N HIS B 490 16.49 -23.54 -23.83
CA HIS B 490 16.30 -24.28 -25.07
C HIS B 490 14.98 -25.03 -25.08
N ASP B 491 14.49 -25.47 -23.92
CA ASP B 491 13.17 -26.07 -23.89
C ASP B 491 12.08 -25.05 -24.16
N MET B 492 12.34 -23.76 -23.87
CA MET B 492 11.39 -22.71 -24.22
C MET B 492 11.49 -22.34 -25.70
N GLN B 493 12.71 -22.33 -26.24
CA GLN B 493 12.89 -22.03 -27.66
C GLN B 493 12.30 -23.15 -28.53
N SER B 494 12.32 -24.38 -28.04
CA SER B 494 11.69 -25.48 -28.76
C SER B 494 10.17 -25.39 -28.73
N LEU B 495 9.60 -24.52 -27.91
CA LEU B 495 8.16 -24.29 -27.86
C LEU B 495 7.73 -23.01 -28.54
N LEU B 496 8.53 -21.95 -28.46
CA LEU B 496 8.21 -20.69 -29.11
C LEU B 496 8.42 -20.75 -30.62
N THR B 497 8.87 -21.87 -31.16
CA THR B 497 9.14 -22.00 -32.59
C THR B 497 8.28 -23.10 -33.21
N LEU B 498 7.24 -23.55 -32.53
CA LEU B 498 6.34 -24.55 -33.08
C LEU B 498 5.45 -23.91 -34.14
N ASP B 499 5.12 -24.68 -35.17
CA ASP B 499 4.41 -24.14 -36.33
C ASP B 499 3.04 -23.59 -35.95
N LYS B 500 2.43 -24.09 -34.88
CA LYS B 500 1.11 -23.59 -34.50
C LYS B 500 1.16 -22.16 -33.99
N ILE B 501 2.30 -21.73 -33.44
CA ILE B 501 2.39 -20.40 -32.83
C ILE B 501 3.50 -19.55 -33.43
N PHE B 502 4.45 -20.12 -34.17
CA PHE B 502 5.53 -19.39 -34.80
C PHE B 502 5.52 -19.78 -36.28
N ASN B 503 5.00 -18.89 -37.12
CA ASN B 503 4.69 -19.24 -38.49
C ASN B 503 5.25 -18.18 -39.41
N ASN B 504 5.01 -18.35 -40.71
CA ASN B 504 5.41 -17.40 -41.72
C ASN B 504 4.23 -16.66 -42.35
N ALA B 505 3.06 -17.29 -42.38
CA ALA B 505 1.85 -16.66 -42.93
C ALA B 505 0.93 -16.14 -41.83
N THR B 506 0.56 -17.00 -40.88
CA THR B 506 -0.26 -16.61 -39.74
C THR B 506 0.62 -16.71 -38.50
N SER B 507 1.34 -15.63 -38.21
CA SER B 507 2.44 -15.69 -37.25
C SER B 507 2.07 -15.17 -35.86
N ASN B 508 1.23 -14.14 -35.77
CA ASN B 508 0.81 -13.63 -34.48
C ASN B 508 2.02 -13.18 -33.65
N ARG B 509 2.59 -12.04 -34.00
CA ARG B 509 3.94 -11.61 -33.62
C ARG B 509 4.24 -11.72 -32.13
N PHE B 510 3.25 -12.08 -31.31
CA PHE B 510 3.51 -12.38 -29.91
C PHE B 510 4.67 -13.35 -29.75
N SER B 511 4.58 -14.52 -30.40
CA SER B 511 5.59 -15.56 -30.23
C SER B 511 6.93 -15.18 -30.82
N THR B 512 6.96 -14.32 -31.83
CA THR B 512 8.24 -13.93 -32.41
C THR B 512 8.89 -12.83 -31.58
N MET B 513 8.19 -12.39 -30.54
CA MET B 513 8.67 -11.31 -29.70
C MET B 513 9.10 -11.79 -28.33
N ALA B 514 8.57 -12.91 -27.84
CA ALA B 514 9.13 -13.61 -26.71
C ALA B 514 10.27 -14.54 -27.10
N PHE B 515 10.53 -14.69 -28.40
CA PHE B 515 11.68 -15.45 -28.87
C PHE B 515 12.92 -14.59 -28.99
N ILE B 516 12.78 -13.34 -29.44
CA ILE B 516 13.93 -12.46 -29.54
C ILE B 516 14.44 -12.02 -28.18
N SER B 517 13.66 -12.25 -27.13
CA SER B 517 14.16 -12.05 -25.77
C SER B 517 14.93 -13.26 -25.28
N SER B 518 14.51 -14.47 -25.66
CA SER B 518 15.32 -15.65 -25.37
C SER B 518 16.64 -15.61 -26.14
N LEU B 519 16.59 -15.15 -27.39
CA LEU B 519 17.79 -15.01 -28.22
C LEU B 519 18.70 -13.89 -27.75
N ASP B 520 18.27 -13.08 -26.78
CA ASP B 520 19.11 -12.07 -26.17
C ASP B 520 19.64 -12.49 -24.80
N ILE B 521 19.06 -13.54 -24.23
CA ILE B 521 19.61 -14.08 -23.00
C ILE B 521 20.95 -14.66 -23.40
N LEU B 522 20.95 -15.36 -24.54
CA LEU B 522 22.14 -15.97 -25.13
C LEU B 522 23.14 -14.95 -25.61
N THR B 523 22.66 -13.87 -26.21
CA THR B 523 23.53 -12.82 -26.73
C THR B 523 24.32 -12.19 -25.62
N GLN B 524 23.67 -11.95 -24.49
CA GLN B 524 24.34 -11.33 -23.35
C GLN B 524 25.33 -12.30 -22.71
N LEU B 525 24.98 -13.60 -22.67
CA LEU B 525 25.92 -14.60 -22.19
C LEU B 525 27.15 -14.66 -23.09
N SER B 526 26.94 -14.85 -24.40
CA SER B 526 28.04 -15.02 -25.32
C SER B 526 28.96 -13.79 -25.35
N LYS B 527 28.42 -12.62 -25.00
CA LYS B 527 29.26 -11.42 -24.99
C LYS B 527 30.17 -11.39 -23.76
N GLN B 528 29.63 -11.77 -22.59
CA GLN B 528 30.42 -11.72 -21.37
C GLN B 528 31.37 -12.91 -21.29
N THR B 529 32.46 -12.74 -20.55
CA THR B 529 33.44 -13.78 -20.32
C THR B 529 33.48 -14.13 -18.83
N LYS B 530 34.41 -15.01 -18.47
CA LYS B 530 34.60 -15.46 -17.10
C LYS B 530 33.33 -16.10 -16.53
N SER B 531 32.91 -17.19 -17.18
CA SER B 531 31.80 -18.00 -16.71
C SER B 531 31.92 -19.38 -17.32
N ASP B 532 31.46 -20.38 -16.58
CA ASP B 532 31.63 -21.78 -16.95
C ASP B 532 30.31 -22.32 -17.50
N TYR B 533 30.27 -22.54 -18.81
CA TYR B 533 29.13 -23.16 -19.47
C TYR B 533 29.58 -23.62 -20.85
N ALA B 534 29.30 -24.88 -21.17
CA ALA B 534 29.68 -25.41 -22.46
C ALA B 534 28.96 -24.67 -23.58
N ILE B 535 29.61 -24.59 -24.75
CA ILE B 535 28.98 -23.95 -25.90
C ILE B 535 27.79 -24.74 -26.42
N GLN B 536 27.57 -25.96 -25.91
CA GLN B 536 26.35 -26.68 -26.21
C GLN B 536 25.12 -25.87 -25.83
N TYR B 537 25.23 -25.07 -24.77
CA TYR B 537 24.13 -24.23 -24.30
C TYR B 537 24.07 -22.88 -25.00
N LEU B 538 24.96 -22.63 -25.96
CA LEU B 538 24.98 -21.35 -26.67
C LEU B 538 24.60 -21.44 -28.13
N ILE B 539 24.71 -22.60 -28.74
CA ILE B 539 24.33 -22.78 -30.14
C ILE B 539 22.92 -23.34 -30.18
N VAL B 540 22.05 -22.69 -30.94
CA VAL B 540 20.61 -22.97 -30.83
C VAL B 540 20.24 -24.28 -31.49
N GLY B 541 20.88 -24.63 -32.61
CA GLY B 541 20.59 -25.88 -33.27
C GLY B 541 19.80 -25.68 -34.55
N PRO B 542 20.20 -26.39 -35.61
CA PRO B 542 19.58 -26.14 -36.93
C PRO B 542 18.11 -26.47 -37.01
N ASP B 543 17.51 -27.01 -35.95
CA ASP B 543 16.08 -27.28 -35.97
C ASP B 543 15.29 -25.98 -35.89
N ILE B 544 15.45 -25.29 -34.77
CA ILE B 544 14.85 -23.98 -34.52
C ILE B 544 15.44 -22.79 -35.28
N MET B 545 16.77 -22.76 -35.38
CA MET B 545 17.47 -21.64 -36.02
C MET B 545 17.17 -21.45 -37.48
N ASN B 546 17.05 -22.54 -38.22
CA ASN B 546 16.75 -22.45 -39.64
C ASN B 546 15.40 -21.77 -39.83
N LYS B 547 14.47 -22.05 -38.93
CA LYS B 547 13.13 -21.51 -39.04
C LYS B 547 13.07 -20.03 -38.68
N VAL B 548 14.03 -19.54 -37.90
CA VAL B 548 14.11 -18.11 -37.62
C VAL B 548 14.62 -17.37 -38.84
N PHE B 549 15.52 -17.99 -39.61
CA PHE B 549 16.06 -17.34 -40.79
C PHE B 549 15.04 -17.26 -41.91
N SER B 550 14.26 -18.33 -42.10
CA SER B 550 13.24 -18.38 -43.13
C SER B 550 11.94 -17.71 -42.71
N SER B 551 11.93 -17.00 -41.58
CA SER B 551 10.74 -16.26 -41.17
C SER B 551 10.64 -14.99 -41.99
N ASP B 552 9.72 -14.10 -41.63
CA ASP B 552 9.45 -12.93 -42.45
C ASP B 552 9.52 -11.59 -41.73
N ASP B 553 9.65 -11.57 -40.42
CA ASP B 553 9.66 -10.26 -39.82
C ASP B 553 11.10 -9.75 -39.69
N PRO B 554 11.30 -8.44 -39.85
CA PRO B 554 12.66 -7.91 -39.93
C PRO B 554 13.39 -7.88 -38.60
N LEU B 555 12.68 -7.62 -37.50
CA LEU B 555 13.37 -7.48 -36.22
C LEU B 555 13.73 -8.83 -35.60
N LEU B 556 13.01 -9.90 -35.93
CA LEU B 556 13.47 -11.23 -35.53
C LEU B 556 14.72 -11.64 -36.30
N LEU B 557 14.77 -11.32 -37.58
CA LEU B 557 15.99 -11.55 -38.35
C LEU B 557 17.13 -10.71 -37.81
N SER B 558 16.83 -9.49 -37.35
CA SER B 558 17.85 -8.65 -36.74
C SER B 558 18.35 -9.25 -35.44
N ALA B 559 17.46 -9.84 -34.65
CA ALA B 559 17.87 -10.51 -33.42
C ALA B 559 18.74 -11.72 -33.72
N ALA B 560 18.38 -12.48 -34.76
CA ALA B 560 19.20 -13.62 -35.15
C ALA B 560 20.58 -13.17 -35.62
N CYS B 561 20.65 -12.07 -36.36
CA CYS B 561 21.95 -11.57 -36.80
C CYS B 561 22.76 -11.01 -35.64
N ARG B 562 22.10 -10.39 -34.66
CA ARG B 562 22.79 -9.92 -33.46
C ARG B 562 23.34 -11.08 -32.65
N TYR B 563 22.60 -12.19 -32.57
CA TYR B 563 23.09 -13.37 -31.88
C TYR B 563 24.27 -13.98 -32.61
N LEU B 564 24.16 -14.11 -33.94
CA LEU B 564 25.25 -14.69 -34.71
C LEU B 564 26.51 -13.84 -34.67
N VAL B 565 26.38 -12.52 -34.66
CA VAL B 565 27.59 -11.70 -34.65
C VAL B 565 28.23 -11.69 -33.26
N ALA B 566 27.42 -11.68 -32.20
CA ALA B 566 27.97 -11.73 -30.84
C ALA B 566 28.02 -13.15 -30.32
N THR B 567 28.57 -14.07 -31.11
CA THR B 567 28.88 -15.41 -30.64
C THR B 567 30.16 -15.96 -31.25
N LYS B 568 30.89 -15.18 -32.06
CA LYS B 568 32.11 -15.68 -32.66
C LYS B 568 33.27 -15.68 -31.68
N ASN B 569 33.38 -14.64 -30.85
CA ASN B 569 34.45 -14.56 -29.88
C ASN B 569 34.38 -15.66 -28.84
N LYS B 570 33.33 -16.46 -28.83
CA LYS B 570 33.21 -17.62 -27.95
C LYS B 570 33.50 -18.93 -28.69
N LEU B 571 33.57 -18.89 -30.02
CA LEU B 571 33.85 -20.08 -30.81
C LEU B 571 35.20 -20.03 -31.51
N MET B 572 35.93 -18.92 -31.42
CA MET B 572 37.30 -18.89 -31.92
C MET B 572 38.17 -19.89 -31.16
N GLN B 573 37.97 -19.98 -29.85
CA GLN B 573 38.80 -20.84 -29.00
C GLN B 573 38.69 -22.31 -29.39
N TYR B 574 37.59 -22.72 -30.00
CA TYR B 574 37.36 -24.12 -30.31
C TYR B 574 37.91 -24.47 -31.69
N PRO B 575 38.33 -25.71 -31.89
CA PRO B 575 38.89 -26.11 -33.20
C PRO B 575 37.84 -26.12 -34.28
N SER B 576 38.32 -26.29 -35.52
CA SER B 576 37.42 -26.24 -36.67
C SER B 576 36.56 -27.48 -36.76
N THR B 577 37.13 -28.66 -36.48
CA THR B 577 36.36 -29.90 -36.54
C THR B 577 35.52 -30.07 -35.28
N ASN B 578 34.70 -29.07 -34.97
CA ASN B 578 33.83 -29.10 -33.81
C ASN B 578 32.38 -29.20 -34.28
N LYS B 579 31.54 -29.81 -33.45
CA LYS B 579 30.13 -29.93 -33.81
C LYS B 579 29.43 -28.58 -33.79
N PHE B 580 29.90 -27.63 -33.00
CA PHE B 580 29.23 -26.35 -32.84
C PHE B 580 29.94 -25.20 -33.53
N VAL B 581 31.15 -25.41 -34.04
CA VAL B 581 31.76 -24.43 -34.93
C VAL B 581 31.54 -24.78 -36.39
N ARG B 582 30.92 -25.92 -36.66
CA ARG B 582 30.56 -26.29 -38.03
C ARG B 582 29.14 -25.87 -38.38
N MET B 583 28.21 -25.96 -37.43
CA MET B 583 26.86 -25.47 -37.69
C MET B 583 26.78 -23.95 -37.54
N GLN B 584 27.57 -23.38 -36.61
CA GLN B 584 27.63 -21.93 -36.50
C GLN B 584 28.21 -21.30 -37.76
N ASN B 585 29.21 -21.92 -38.36
CA ASN B 585 29.70 -21.46 -39.65
C ASN B 585 28.78 -21.83 -40.80
N GLN B 586 27.79 -22.69 -40.56
CA GLN B 586 26.79 -22.98 -41.58
C GLN B 586 25.73 -21.90 -41.61
N TYR B 587 25.28 -21.45 -40.43
CA TYR B 587 24.33 -20.34 -40.35
C TYR B 587 24.83 -19.14 -41.13
N ILE B 588 26.11 -18.80 -40.97
CA ILE B 588 26.65 -17.62 -41.63
C ILE B 588 26.98 -17.90 -43.08
N MET B 589 27.25 -19.16 -43.42
CA MET B 589 27.51 -19.50 -44.82
C MET B 589 26.29 -19.26 -45.70
N ASP B 590 25.08 -19.38 -45.13
CA ASP B 590 23.87 -19.22 -45.91
C ASP B 590 23.09 -17.96 -45.60
N LEU B 591 23.11 -17.47 -44.36
CA LEU B 591 22.47 -16.20 -44.07
C LEU B 591 23.20 -15.02 -44.72
N THR B 592 24.39 -15.24 -45.25
CA THR B 592 25.10 -14.20 -45.98
C THR B 592 24.84 -14.26 -47.47
N ASN B 593 24.53 -15.44 -48.02
CA ASN B 593 24.11 -15.54 -49.41
C ASN B 593 22.59 -15.57 -49.54
N TYR B 594 21.89 -15.32 -48.45
CA TYR B 594 20.46 -15.04 -48.47
C TYR B 594 20.15 -13.58 -48.20
N LEU B 595 21.13 -12.81 -47.75
CA LEU B 595 20.93 -11.39 -47.49
C LEU B 595 21.71 -10.49 -48.45
N TYR B 596 22.96 -10.81 -48.77
CA TYR B 596 23.73 -9.91 -49.63
C TYR B 596 24.16 -10.52 -50.95
N ARG B 597 24.82 -11.68 -50.92
CA ARG B 597 25.36 -12.27 -52.13
C ARG B 597 24.43 -13.38 -52.60
N ASN B 598 23.38 -12.99 -53.31
CA ASN B 598 22.30 -13.92 -53.65
C ASN B 598 22.83 -14.95 -54.65
N LYS B 599 23.32 -16.06 -54.13
CA LYS B 599 23.80 -17.19 -54.93
C LYS B 599 23.27 -18.49 -54.34
N VAL B 600 21.97 -18.51 -54.03
CA VAL B 600 21.37 -19.68 -53.40
C VAL B 600 21.13 -20.83 -54.36
N LEU B 601 21.26 -20.59 -55.68
CA LEU B 601 21.07 -21.65 -56.64
C LEU B 601 22.37 -22.38 -56.97
N SER B 602 23.50 -21.66 -56.96
CA SER B 602 24.78 -22.30 -57.21
C SER B 602 25.31 -23.03 -55.98
N SER B 603 25.00 -22.53 -54.79
CA SER B 603 25.45 -23.17 -53.55
C SER B 603 24.61 -24.43 -53.30
N LYS B 604 24.79 -25.03 -52.13
CA LYS B 604 24.07 -26.25 -51.79
C LYS B 604 23.47 -26.10 -50.40
N SER B 605 22.20 -26.52 -50.26
CA SER B 605 21.54 -26.60 -48.96
C SER B 605 21.51 -25.26 -48.24
N LEU B 606 20.75 -24.29 -48.76
CA LEU B 606 20.66 -22.98 -48.14
C LEU B 606 20.25 -23.06 -46.68
N PHE B 607 19.02 -23.50 -46.41
CA PHE B 607 18.53 -23.62 -45.03
C PHE B 607 18.22 -25.08 -44.69
N GLY B 608 19.05 -25.99 -45.15
CA GLY B 608 18.80 -27.41 -45.04
C GLY B 608 18.03 -27.95 -46.23
N VAL B 609 17.24 -27.08 -46.86
CA VAL B 609 16.53 -27.44 -48.08
C VAL B 609 17.47 -27.31 -49.27
N SER B 610 17.36 -28.25 -50.21
CA SER B 610 18.27 -28.31 -51.34
C SER B 610 18.17 -27.03 -52.18
N PRO B 611 19.22 -26.72 -52.95
CA PRO B 611 19.21 -25.50 -53.76
C PRO B 611 18.46 -25.60 -55.07
N ASP B 612 17.97 -26.78 -55.45
CA ASP B 612 17.14 -26.93 -56.64
C ASP B 612 15.66 -26.85 -56.32
N PHE B 613 15.29 -26.86 -55.03
CA PHE B 613 13.91 -26.58 -54.65
C PHE B 613 13.54 -25.15 -55.04
N PHE B 614 14.42 -24.19 -54.78
CA PHE B 614 14.17 -22.81 -55.18
C PHE B 614 14.09 -22.69 -56.70
N LYS B 615 14.99 -23.38 -57.42
CA LYS B 615 14.98 -23.31 -58.87
C LYS B 615 13.65 -23.79 -59.44
N GLN B 616 13.12 -24.88 -58.90
CA GLN B 616 11.82 -25.36 -59.37
C GLN B 616 10.69 -24.47 -58.93
N ILE B 617 10.81 -23.83 -57.75
CA ILE B 617 9.78 -22.89 -57.32
C ILE B 617 9.71 -21.71 -58.29
N LEU B 618 10.86 -21.21 -58.73
CA LEU B 618 10.91 -20.07 -59.63
C LEU B 618 10.40 -20.40 -61.03
N GLU B 619 9.91 -21.62 -61.25
CA GLU B 619 9.16 -21.97 -62.44
C GLU B 619 7.69 -22.04 -62.09
N ASN B 620 6.85 -21.52 -62.98
CA ASN B 620 5.43 -21.27 -62.78
C ASN B 620 5.18 -20.16 -61.77
N LEU B 621 6.23 -19.61 -61.17
CA LEU B 621 6.11 -18.42 -60.32
C LEU B 621 6.15 -17.20 -61.21
N TYR B 622 4.98 -16.65 -61.52
CA TYR B 622 4.86 -15.65 -62.57
C TYR B 622 5.47 -14.32 -62.15
N ILE B 623 6.34 -13.79 -63.00
CA ILE B 623 6.89 -12.44 -62.85
C ILE B 623 6.77 -11.77 -64.21
N PRO B 624 6.25 -10.54 -64.29
CA PRO B 624 6.04 -9.92 -65.62
C PRO B 624 7.30 -9.83 -66.47
N THR B 625 8.36 -9.24 -65.93
CA THR B 625 9.63 -9.17 -66.66
C THR B 625 10.47 -10.42 -66.35
N ALA B 626 11.47 -10.66 -67.20
CA ALA B 626 12.34 -11.81 -67.01
C ALA B 626 13.81 -11.47 -67.27
N ASP B 627 14.19 -10.20 -67.11
CA ASP B 627 15.57 -9.80 -67.37
C ASP B 627 16.53 -10.50 -66.39
N PHE B 628 16.37 -10.24 -65.10
CA PHE B 628 17.14 -10.90 -64.05
C PHE B 628 16.12 -11.42 -63.04
N LYS B 629 15.63 -12.64 -63.26
CA LYS B 629 14.55 -13.19 -62.45
C LYS B 629 15.06 -13.98 -61.24
N ASN B 630 15.91 -14.97 -61.45
CA ASN B 630 16.38 -15.79 -60.35
C ASN B 630 17.19 -14.99 -59.34
N ALA B 631 17.80 -13.90 -59.78
CA ALA B 631 18.52 -13.00 -58.88
C ALA B 631 17.69 -11.80 -58.47
N LYS B 632 16.40 -11.81 -58.75
CA LYS B 632 15.57 -10.63 -58.45
C LYS B 632 15.19 -10.58 -56.98
N PHE B 633 14.89 -11.73 -56.37
CA PHE B 633 14.46 -11.76 -54.97
C PHE B 633 15.25 -12.81 -54.19
N PHE B 634 16.49 -12.46 -53.83
CA PHE B 634 17.17 -13.20 -52.76
C PHE B 634 18.12 -12.32 -51.95
N THR B 635 18.09 -11.01 -52.13
CA THR B 635 19.02 -10.11 -51.46
C THR B 635 18.28 -9.36 -50.37
N ILE B 636 19.00 -8.46 -49.69
CA ILE B 636 18.41 -7.62 -48.67
C ILE B 636 17.35 -6.73 -49.30
N THR B 637 17.46 -6.52 -50.61
CA THR B 637 16.50 -5.76 -51.40
C THR B 637 15.74 -6.75 -52.27
N GLY B 638 14.66 -7.31 -51.74
CA GLY B 638 13.91 -8.32 -52.45
C GLY B 638 13.42 -9.41 -51.53
N ILE B 639 14.15 -9.62 -50.43
CA ILE B 639 13.64 -10.53 -49.40
C ILE B 639 12.37 -9.94 -48.80
N PRO B 640 11.28 -10.70 -48.67
CA PRO B 640 10.02 -10.10 -48.21
C PRO B 640 10.08 -9.51 -46.82
N ALA B 641 11.13 -9.81 -46.04
CA ALA B 641 11.30 -9.20 -44.74
C ALA B 641 11.80 -7.77 -44.86
N LEU B 642 12.84 -7.54 -45.67
CA LEU B 642 13.49 -6.25 -45.78
C LEU B 642 13.29 -5.62 -47.16
N SER B 643 12.26 -6.05 -47.89
CA SER B 643 12.03 -5.52 -49.22
C SER B 643 11.62 -4.05 -49.18
N TYR B 644 10.69 -3.71 -48.29
CA TYR B 644 10.17 -2.36 -48.22
C TYR B 644 10.98 -1.45 -47.31
N ILE B 645 11.65 -2.01 -46.30
CA ILE B 645 12.53 -1.21 -45.46
C ILE B 645 13.66 -0.62 -46.29
N CYS B 646 14.17 -1.36 -47.27
CA CYS B 646 15.19 -0.82 -48.14
C CYS B 646 14.65 0.31 -49.01
N ILE B 647 13.39 0.21 -49.46
CA ILE B 647 12.79 1.29 -50.21
C ILE B 647 12.63 2.53 -49.34
N ILE B 648 12.27 2.33 -48.07
CA ILE B 648 12.14 3.47 -47.16
C ILE B 648 13.51 4.10 -46.91
N ILE B 649 14.54 3.29 -46.75
CA ILE B 649 15.89 3.83 -46.57
C ILE B 649 16.32 4.60 -47.81
N LEU B 650 15.95 4.09 -49.00
CA LEU B 650 16.28 4.78 -50.23
C LEU B 650 15.57 6.12 -50.32
N ARG B 651 14.26 6.14 -50.09
CA ARG B 651 13.48 7.37 -50.16
C ARG B 651 13.80 8.32 -49.00
N ARG B 652 14.51 7.85 -47.98
CA ARG B 652 15.01 8.73 -46.94
C ARG B 652 16.38 9.30 -47.28
N LEU B 653 17.25 8.52 -47.94
CA LEU B 653 18.48 9.07 -48.48
C LEU B 653 18.18 10.12 -49.55
N GLU B 654 17.13 9.90 -50.34
CA GLU B 654 16.74 10.87 -51.35
C GLU B 654 16.37 12.21 -50.71
N THR B 655 15.65 12.16 -49.58
CA THR B 655 15.31 13.39 -48.87
C THR B 655 16.52 14.00 -48.16
N ALA B 656 17.42 13.17 -47.64
CA ALA B 656 18.62 13.70 -47.00
C ALA B 656 19.59 14.31 -47.99
N GLU B 657 19.52 13.94 -49.27
CA GLU B 657 20.37 14.52 -50.30
C GLU B 657 19.64 15.52 -51.19
N ASN B 658 18.31 15.62 -51.08
CA ASN B 658 17.51 16.53 -51.89
C ASN B 658 17.73 16.28 -53.39
N THR B 659 17.62 15.01 -53.78
CA THR B 659 17.76 14.64 -55.17
C THR B 659 16.62 15.22 -56.01
N LYS B 660 16.81 15.20 -57.33
CA LYS B 660 15.81 15.71 -58.25
C LYS B 660 15.35 14.66 -59.26
N ILE B 661 15.52 13.38 -58.95
CA ILE B 661 15.09 12.34 -59.88
C ILE B 661 14.04 11.44 -59.23
N LYS B 662 14.10 11.28 -57.90
CA LYS B 662 13.01 10.69 -57.15
C LYS B 662 12.60 9.31 -57.64
N PHE B 663 13.43 8.30 -57.36
CA PHE B 663 13.30 6.92 -57.86
C PHE B 663 11.85 6.50 -57.96
N THR B 664 11.41 6.13 -59.16
CA THR B 664 9.99 6.07 -59.53
C THR B 664 9.40 4.68 -59.39
N SER B 665 9.59 4.04 -58.24
CA SER B 665 8.96 2.76 -57.92
C SER B 665 9.40 2.40 -56.51
N GLY B 666 8.66 1.49 -55.88
CA GLY B 666 9.25 0.87 -54.73
C GLY B 666 9.52 -0.61 -54.90
N ILE B 667 10.76 -0.91 -55.30
CA ILE B 667 11.45 -2.18 -55.08
C ILE B 667 12.87 -1.95 -55.58
N ILE B 668 13.85 -2.56 -54.94
CA ILE B 668 15.21 -2.45 -55.45
C ILE B 668 15.69 -3.82 -55.93
N ASN B 669 15.93 -3.92 -57.23
CA ASN B 669 16.48 -5.15 -57.79
C ASN B 669 17.16 -4.80 -59.11
N GLU B 670 17.92 -5.77 -59.62
CA GLU B 670 18.75 -5.55 -60.80
C GLU B 670 17.97 -5.04 -62.00
N GLU B 671 16.67 -5.34 -62.10
CA GLU B 671 15.86 -4.96 -63.24
C GLU B 671 15.41 -3.50 -63.17
N THR B 672 14.64 -3.14 -62.14
CA THR B 672 14.15 -1.77 -62.00
C THR B 672 15.28 -0.76 -61.88
N PHE B 673 16.44 -1.17 -61.37
CA PHE B 673 17.57 -0.25 -61.28
C PHE B 673 18.13 0.09 -62.65
N ASN B 674 18.22 -0.91 -63.53
CA ASN B 674 18.68 -0.64 -64.90
C ASN B 674 17.70 0.27 -65.63
N ASN B 675 16.39 0.08 -65.40
CA ASN B 675 15.42 0.98 -65.99
C ASN B 675 15.59 2.40 -65.46
N PHE B 676 15.75 2.55 -64.15
CA PHE B 676 15.91 3.87 -63.57
C PHE B 676 17.20 4.54 -64.03
N PHE B 677 18.21 3.75 -64.40
CA PHE B 677 19.47 4.32 -64.85
C PHE B 677 19.53 4.51 -66.36
N ARG B 678 18.67 3.86 -67.13
CA ARG B 678 18.57 4.11 -68.55
C ARG B 678 17.57 5.20 -68.88
N VAL B 679 16.62 5.49 -68.00
CA VAL B 679 15.65 6.56 -68.22
C VAL B 679 16.15 7.90 -67.70
N HIS B 680 17.20 7.91 -66.88
CA HIS B 680 17.75 9.15 -66.33
C HIS B 680 19.27 9.11 -66.39
N HIS B 681 19.82 8.60 -67.48
CA HIS B 681 21.27 8.50 -67.62
C HIS B 681 22.02 9.84 -67.59
N ASP B 682 21.47 10.88 -68.21
CA ASP B 682 22.12 12.19 -68.28
C ASP B 682 22.39 12.87 -66.94
N GLU B 683 21.39 12.85 -66.06
CA GLU B 683 21.51 13.42 -64.72
C GLU B 683 22.26 12.48 -63.79
N ILE B 684 22.00 11.19 -63.88
CA ILE B 684 22.65 10.31 -62.93
C ILE B 684 24.16 10.51 -63.04
N GLY B 685 24.69 10.61 -64.26
CA GLY B 685 26.11 10.88 -64.40
C GLY B 685 26.48 12.25 -63.86
N GLN B 686 25.70 13.27 -64.21
CA GLN B 686 25.93 14.64 -63.75
C GLN B 686 25.70 14.89 -62.26
N HIS B 687 24.58 14.35 -61.75
CA HIS B 687 24.21 14.53 -60.35
C HIS B 687 22.72 14.22 -60.14
N GLY B 688 22.17 14.68 -59.02
CA GLY B 688 20.75 14.49 -58.71
C GLY B 688 20.29 13.23 -58.02
N TRP B 689 21.22 12.41 -57.53
CA TRP B 689 20.87 11.17 -56.84
C TRP B 689 21.87 10.88 -55.72
N ILE B 690 21.80 9.70 -55.12
CA ILE B 690 22.71 9.34 -54.01
C ILE B 690 24.15 9.50 -54.49
N LYS B 691 25.00 10.09 -53.66
CA LYS B 691 26.34 10.41 -54.14
C LYS B 691 27.04 9.19 -54.74
N GLY B 692 27.30 8.18 -53.92
CA GLY B 692 28.16 7.09 -54.35
C GLY B 692 27.47 6.06 -55.21
N VAL B 693 26.14 6.14 -55.34
CA VAL B 693 25.40 5.10 -56.02
C VAL B 693 25.58 5.24 -57.53
N ASN B 694 26.28 4.28 -58.12
CA ASN B 694 26.39 4.14 -59.57
C ASN B 694 26.02 2.76 -60.09
N ASN B 695 26.15 1.76 -59.21
CA ASN B 695 25.84 0.36 -59.47
C ASN B 695 24.86 -0.12 -58.39
N ILE B 696 24.10 -1.17 -58.65
CA ILE B 696 23.10 -1.59 -57.67
C ILE B 696 23.77 -1.93 -56.35
N HIS B 697 24.95 -2.53 -56.41
CA HIS B 697 25.68 -2.89 -55.19
C HIS B 697 26.08 -1.64 -54.42
N ASP B 698 26.37 -0.54 -55.13
CA ASP B 698 26.60 0.73 -54.45
C ASP B 698 25.38 1.12 -53.63
N LEU B 699 24.18 0.93 -54.18
CA LEU B 699 22.96 1.29 -53.47
C LEU B 699 22.74 0.36 -52.28
N ARG B 700 22.99 -0.93 -52.46
CA ARG B 700 22.84 -1.88 -51.36
C ARG B 700 23.84 -1.64 -50.24
N VAL B 701 25.03 -1.13 -50.55
CA VAL B 701 25.98 -0.75 -49.51
C VAL B 701 25.61 0.57 -48.86
N LYS B 702 25.05 1.51 -49.63
CA LYS B 702 24.61 2.78 -49.06
C LYS B 702 23.48 2.58 -48.07
N ILE B 703 22.50 1.75 -48.43
CA ILE B 703 21.37 1.53 -47.53
C ILE B 703 21.81 0.69 -46.34
N LEU B 704 22.84 -0.13 -46.51
CA LEU B 704 23.40 -0.85 -45.37
C LEU B 704 24.09 0.10 -44.40
N MET B 705 24.94 0.99 -44.92
CA MET B 705 25.59 1.99 -44.10
C MET B 705 24.58 2.89 -43.39
N HIS B 706 23.47 3.22 -44.05
CA HIS B 706 22.41 3.96 -43.39
C HIS B 706 21.65 3.10 -42.39
N LEU B 707 21.65 1.78 -42.57
CA LEU B 707 20.98 0.87 -41.65
C LEU B 707 21.80 0.64 -40.38
N SER B 708 23.12 0.87 -40.43
CA SER B 708 24.00 0.61 -39.30
C SER B 708 24.17 1.83 -38.40
N ASN B 709 23.29 2.82 -38.52
CA ASN B 709 23.26 3.96 -37.60
C ASN B 709 22.32 3.60 -36.46
N THR B 710 22.82 3.71 -35.22
CA THR B 710 22.11 3.16 -34.08
C THR B 710 20.88 3.99 -33.74
N ALA B 711 19.88 3.94 -34.62
CA ALA B 711 18.58 4.54 -34.37
C ALA B 711 17.41 3.65 -34.76
N ASN B 712 17.61 2.64 -35.60
CA ASN B 712 16.59 1.71 -36.06
C ASN B 712 16.85 0.31 -35.51
N PRO B 713 15.80 -0.50 -35.33
CA PRO B 713 16.00 -1.82 -34.74
C PRO B 713 16.78 -2.79 -35.61
N TYR B 714 16.92 -2.52 -36.91
CA TYR B 714 17.58 -3.44 -37.82
C TYR B 714 19.06 -3.15 -38.00
N ARG B 715 19.68 -2.47 -37.02
CA ARG B 715 21.11 -2.18 -37.10
C ARG B 715 21.95 -3.45 -37.16
N ASP B 716 21.48 -4.51 -36.50
CA ASP B 716 22.25 -5.73 -36.38
C ASP B 716 22.38 -6.49 -37.68
N ILE B 717 21.46 -6.31 -38.63
CA ILE B 717 21.62 -6.95 -39.93
C ILE B 717 22.81 -6.35 -40.67
N ALA B 718 22.91 -5.02 -40.68
CA ALA B 718 24.07 -4.37 -41.29
C ALA B 718 25.34 -4.75 -40.55
N ALA B 719 25.30 -4.76 -39.21
CA ALA B 719 26.48 -5.15 -38.44
C ALA B 719 26.92 -6.57 -38.78
N PHE B 720 25.98 -7.50 -38.90
CA PHE B 720 26.31 -8.89 -39.22
C PHE B 720 26.92 -9.00 -40.61
N LEU B 721 26.29 -8.38 -41.61
CA LEU B 721 26.85 -8.41 -42.96
C LEU B 721 28.27 -7.85 -42.98
N PHE B 722 28.48 -6.73 -42.28
CA PHE B 722 29.81 -6.11 -42.26
C PHE B 722 30.83 -7.03 -41.61
N THR B 723 30.50 -7.59 -40.45
CA THR B 723 31.49 -8.38 -39.72
C THR B 723 31.73 -9.75 -40.34
N TYR B 724 30.80 -10.26 -41.14
CA TYR B 724 31.01 -11.60 -41.71
C TYR B 724 31.22 -11.79 -43.21
N LEU B 725 30.80 -10.84 -44.03
CA LEU B 725 30.93 -10.99 -45.49
C LEU B 725 32.35 -11.07 -46.06
N LYS B 726 33.24 -10.24 -45.52
CA LYS B 726 34.67 -10.13 -45.89
C LYS B 726 34.87 -9.45 -47.25
N SER B 727 33.79 -8.90 -47.78
CA SER B 727 33.81 -8.14 -49.04
C SER B 727 33.58 -6.66 -48.77
N LEU B 728 32.63 -6.35 -47.90
CA LEU B 728 32.37 -4.98 -47.46
C LEU B 728 32.83 -4.77 -46.03
N SER B 729 33.86 -5.52 -45.60
CA SER B 729 34.39 -5.37 -44.25
C SER B 729 34.96 -3.98 -43.99
N LYS B 730 35.28 -3.23 -45.05
CA LYS B 730 35.70 -1.85 -44.92
C LYS B 730 34.56 -0.91 -44.55
N TYR B 731 33.36 -1.45 -44.33
CA TYR B 731 32.16 -0.66 -44.03
C TYR B 731 31.84 0.29 -45.17
N LYS C 8 -15.22 0.25 -56.88
CA LYS C 8 -16.25 -0.44 -56.12
C LYS C 8 -16.62 -1.77 -56.76
N ASP C 9 -16.50 -1.84 -58.09
CA ASP C 9 -16.72 -3.09 -58.81
C ASP C 9 -15.43 -3.86 -59.06
N VAL C 10 -14.30 -3.16 -59.14
CA VAL C 10 -13.04 -3.82 -59.35
C VAL C 10 -12.80 -4.74 -58.17
N LEU C 11 -13.09 -4.20 -56.99
CA LEU C 11 -12.99 -4.91 -55.73
C LEU C 11 -13.97 -6.08 -55.69
N ASP C 12 -15.17 -5.84 -56.23
CA ASP C 12 -16.22 -6.83 -56.23
C ASP C 12 -15.83 -8.06 -57.05
N VAL C 13 -15.20 -7.84 -58.21
CA VAL C 13 -14.73 -8.98 -58.99
C VAL C 13 -13.47 -9.58 -58.37
N TYR C 14 -12.72 -8.78 -57.61
CA TYR C 14 -11.59 -9.34 -56.87
C TYR C 14 -12.05 -10.30 -55.79
N ILE C 15 -13.09 -9.93 -55.04
CA ILE C 15 -13.65 -10.84 -54.04
C ILE C 15 -14.19 -12.08 -54.71
N LYS C 16 -14.79 -11.94 -55.90
CA LYS C 16 -15.29 -13.10 -56.61
C LYS C 16 -14.16 -14.04 -56.99
N ASN C 17 -13.06 -13.49 -57.52
CA ASN C 17 -11.88 -14.30 -57.84
C ASN C 17 -11.32 -14.97 -56.58
N LEU C 18 -11.30 -14.25 -55.47
CA LEU C 18 -10.81 -14.81 -54.22
C LEU C 18 -11.66 -16.00 -53.77
N GLU C 19 -12.99 -15.84 -53.83
CA GLU C 19 -13.88 -16.96 -53.53
C GLU C 19 -13.61 -18.15 -54.43
N ASN C 20 -13.47 -17.91 -55.73
CA ASN C 20 -13.24 -19.00 -56.68
C ASN C 20 -11.94 -19.72 -56.37
N GLN C 21 -10.89 -18.98 -56.01
CA GLN C 21 -9.60 -19.61 -55.78
C GLN C 21 -9.58 -20.36 -54.45
N ILE C 22 -10.25 -19.83 -53.42
CA ILE C 22 -10.40 -20.59 -52.19
C ILE C 22 -11.15 -21.88 -52.44
N GLY C 23 -12.19 -21.82 -53.28
CA GLY C 23 -12.92 -23.03 -53.63
C GLY C 23 -12.04 -24.04 -54.34
N ASN C 24 -11.25 -23.58 -55.30
CA ASN C 24 -10.36 -24.49 -56.03
C ASN C 24 -9.33 -25.13 -55.12
N LYS C 25 -8.73 -24.34 -54.22
CA LYS C 25 -7.73 -24.88 -53.32
C LYS C 25 -8.35 -25.85 -52.32
N ARG C 26 -9.56 -25.56 -51.86
CA ARG C 26 -10.25 -26.48 -50.96
C ARG C 26 -10.59 -27.78 -51.68
N TYR C 27 -10.93 -27.69 -52.96
CA TYR C 27 -11.15 -28.90 -53.75
C TYR C 27 -9.87 -29.73 -53.89
N PHE C 28 -8.75 -29.06 -54.17
CA PHE C 28 -7.47 -29.75 -54.22
C PHE C 28 -7.16 -30.44 -52.90
N LEU C 29 -7.41 -29.75 -51.79
CA LEU C 29 -7.16 -30.33 -50.47
C LEU C 29 -8.05 -31.54 -50.23
N LYS C 30 -9.34 -31.43 -50.59
CA LYS C 30 -10.24 -32.55 -50.42
C LYS C 30 -9.80 -33.76 -51.23
N GLN C 31 -9.39 -33.53 -52.49
CA GLN C 31 -8.95 -34.63 -53.33
C GLN C 31 -7.67 -35.27 -52.79
N ALA C 32 -6.74 -34.46 -52.29
CA ALA C 32 -5.50 -35.01 -51.76
C ALA C 32 -5.76 -35.80 -50.48
N GLN C 33 -6.62 -35.29 -49.60
CA GLN C 33 -6.97 -36.03 -48.39
C GLN C 33 -7.70 -37.32 -48.75
N GLY C 34 -8.53 -37.28 -49.78
CA GLY C 34 -9.18 -38.51 -50.23
C GLY C 34 -8.19 -39.54 -50.72
N ALA C 35 -7.21 -39.09 -51.51
CA ALA C 35 -6.18 -40.02 -51.97
C ALA C 35 -5.40 -40.60 -50.80
N ILE C 36 -5.01 -39.78 -49.85
CA ILE C 36 -4.27 -40.27 -48.69
C ILE C 36 -5.12 -41.25 -47.90
N ASP C 37 -6.41 -40.92 -47.75
CA ASP C 37 -7.34 -41.77 -47.01
C ASP C 37 -7.51 -43.14 -47.66
N GLU C 38 -7.63 -43.16 -48.98
CA GLU C 38 -7.81 -44.39 -49.74
C GLU C 38 -6.54 -45.24 -49.70
N ILE C 39 -5.38 -44.62 -49.91
CA ILE C 39 -4.13 -45.37 -49.87
C ILE C 39 -3.91 -45.97 -48.49
N THR C 40 -4.34 -45.28 -47.43
CA THR C 40 -4.22 -45.85 -46.10
C THR C 40 -5.23 -46.96 -45.88
N LYS C 41 -6.43 -46.83 -46.44
CA LYS C 41 -7.41 -47.91 -46.34
C LYS C 41 -6.98 -49.13 -47.13
N ARG C 42 -6.05 -48.99 -48.07
CA ARG C 42 -5.45 -50.16 -48.69
C ARG C 42 -4.40 -50.79 -47.78
N SER C 43 -3.95 -50.07 -46.75
CA SER C 43 -2.91 -50.57 -45.84
C SER C 43 -3.29 -50.38 -44.38
N LEU C 44 -4.49 -50.82 -44.01
CA LEU C 44 -5.00 -50.67 -42.64
C LEU C 44 -4.50 -51.75 -41.69
N ASP C 45 -3.39 -52.40 -42.01
CA ASP C 45 -2.90 -53.55 -41.25
C ASP C 45 -2.89 -53.32 -39.74
N THR C 46 -2.07 -52.37 -39.26
CA THR C 46 -2.05 -52.08 -37.83
C THR C 46 -1.47 -50.67 -37.65
N GLU C 47 -2.36 -49.69 -37.45
CA GLU C 47 -2.03 -48.31 -37.07
C GLU C 47 -0.72 -47.83 -37.72
N GLY C 48 -0.63 -48.04 -39.03
CA GLY C 48 0.61 -47.87 -39.77
C GLY C 48 1.41 -46.61 -39.49
N LYS C 49 2.63 -46.79 -38.97
CA LYS C 49 3.54 -45.67 -38.73
C LYS C 49 4.99 -46.14 -38.70
N PRO C 50 5.58 -46.49 -39.85
CA PRO C 50 7.01 -46.80 -39.89
C PRO C 50 7.82 -45.57 -40.28
N VAL C 51 9.12 -45.64 -39.98
CA VAL C 51 10.02 -44.56 -40.35
C VAL C 51 10.10 -44.45 -41.87
N ASN C 52 10.51 -43.27 -42.35
CA ASN C 52 10.62 -42.99 -43.77
C ASN C 52 12.03 -43.35 -44.24
N SER C 53 12.11 -44.21 -45.25
CA SER C 53 13.37 -44.81 -45.68
C SER C 53 14.16 -43.84 -46.58
N GLU C 54 14.39 -42.65 -46.04
CA GLU C 54 15.27 -41.65 -46.65
C GLU C 54 14.84 -41.24 -48.05
N VAL C 55 13.61 -41.56 -48.45
CA VAL C 55 13.02 -40.89 -49.61
C VAL C 55 12.62 -39.48 -49.26
N PHE C 56 12.64 -39.13 -47.97
CA PHE C 56 12.41 -37.76 -47.53
C PHE C 56 13.39 -36.80 -48.21
N THR C 57 14.63 -37.23 -48.37
CA THR C 57 15.62 -36.42 -49.07
C THR C 57 15.21 -36.13 -50.51
N GLU C 58 14.37 -36.97 -51.10
CA GLU C 58 13.85 -36.71 -52.44
C GLU C 58 12.69 -35.72 -52.44
N LEU C 59 11.92 -35.67 -51.35
CA LEU C 59 10.84 -34.69 -51.24
C LEU C 59 11.38 -33.27 -51.10
N LEU C 60 12.49 -33.10 -50.40
CA LEU C 60 13.12 -31.79 -50.24
C LEU C 60 13.86 -31.34 -51.49
N ARG C 61 13.80 -32.11 -52.57
CA ARG C 61 14.39 -31.71 -53.84
C ARG C 61 13.39 -31.00 -54.75
N LYS C 62 12.11 -31.34 -54.67
CA LYS C 62 11.12 -30.79 -55.57
C LYS C 62 9.89 -30.34 -54.79
N PRO C 63 9.33 -29.19 -55.13
CA PRO C 63 8.07 -28.76 -54.50
C PRO C 63 6.87 -29.38 -55.20
N MET C 64 5.69 -29.04 -54.68
CA MET C 64 4.43 -29.43 -55.28
C MET C 64 3.46 -28.26 -55.17
N PHE C 65 2.37 -28.37 -55.93
CA PHE C 65 1.34 -27.33 -56.02
C PHE C 65 1.93 -26.01 -56.50
N PHE C 66 2.39 -26.03 -57.75
CA PHE C 66 2.75 -24.79 -58.42
C PHE C 66 1.51 -23.95 -58.65
N SER C 67 1.62 -22.65 -58.42
CA SER C 67 0.45 -21.77 -58.44
C SER C 67 0.18 -21.23 -59.84
N GLU C 68 -1.08 -20.91 -60.09
CA GLU C 68 -1.52 -20.35 -61.36
C GLU C 68 -1.15 -18.87 -61.44
N ARG C 69 -1.40 -18.27 -62.60
CA ARG C 69 -1.15 -16.84 -62.76
C ARG C 69 -2.21 -16.01 -62.06
N ALA C 70 -3.47 -16.39 -62.19
CA ALA C 70 -4.57 -15.68 -61.55
C ALA C 70 -4.69 -15.97 -60.07
N ASP C 71 -3.85 -16.85 -59.53
CA ASP C 71 -3.87 -17.18 -58.11
C ASP C 71 -3.45 -15.96 -57.29
N PRO C 72 -4.35 -15.39 -56.48
CA PRO C 72 -4.00 -14.23 -55.66
C PRO C 72 -3.33 -14.57 -54.33
N ILE C 73 -2.85 -15.81 -54.16
CA ILE C 73 -2.24 -16.21 -52.90
C ILE C 73 -1.00 -15.36 -52.59
N GLY C 74 -0.40 -14.75 -53.60
CA GLY C 74 0.67 -13.81 -53.35
C GLY C 74 0.21 -12.60 -52.57
N PHE C 75 -1.06 -12.24 -52.70
CA PHE C 75 -1.63 -11.12 -51.96
C PHE C 75 -2.30 -11.55 -50.67
N SER C 76 -2.85 -12.76 -50.63
CA SER C 76 -3.47 -13.25 -49.41
C SER C 76 -2.48 -13.43 -48.27
N LEU C 77 -1.33 -14.03 -48.56
CA LEU C 77 -0.30 -14.25 -47.56
C LEU C 77 0.31 -12.97 -47.03
N THR C 78 0.56 -12.04 -47.92
CA THR C 78 1.16 -10.75 -47.59
C THR C 78 0.25 -9.92 -46.70
N SER C 79 -1.04 -10.02 -46.97
CA SER C 79 -2.04 -9.23 -46.29
C SER C 79 -2.59 -9.87 -45.03
N ASN C 80 -2.76 -11.20 -45.02
CA ASN C 80 -3.09 -11.88 -43.78
C ASN C 80 -1.95 -11.85 -42.78
N PHE C 81 -0.73 -11.61 -43.24
CA PHE C 81 0.45 -11.55 -42.39
C PHE C 81 0.86 -10.13 -42.04
N LEU C 82 0.79 -9.20 -42.99
CA LEU C 82 1.15 -7.81 -42.71
C LEU C 82 0.11 -7.08 -41.87
N SER C 83 -1.12 -7.60 -41.81
CA SER C 83 -2.17 -7.01 -40.98
C SER C 83 -2.17 -7.63 -39.58
N LEU C 84 -2.06 -8.95 -39.51
CA LEU C 84 -1.96 -9.65 -38.24
C LEU C 84 -0.68 -9.32 -37.49
N ARG C 85 0.30 -8.71 -38.15
CA ARG C 85 1.54 -8.32 -37.51
C ARG C 85 1.51 -6.92 -36.94
N ALA C 86 0.80 -5.99 -37.58
CA ALA C 86 0.61 -4.66 -37.03
C ALA C 86 -0.55 -4.60 -36.04
N GLN C 87 -1.40 -5.62 -36.02
CA GLN C 87 -2.50 -5.69 -35.06
C GLN C 87 -2.10 -6.41 -33.78
N SER C 88 -1.11 -7.28 -33.84
CA SER C 88 -0.62 -7.98 -32.65
C SER C 88 0.58 -7.29 -32.02
N SER C 89 1.37 -6.55 -32.80
CA SER C 89 2.45 -5.79 -32.19
C SER C 89 1.92 -4.65 -31.34
N SER C 90 0.78 -4.07 -31.71
CA SER C 90 0.17 -3.06 -30.86
C SER C 90 -0.34 -3.65 -29.56
N GLU C 91 -0.93 -4.85 -29.63
CA GLU C 91 -1.36 -5.52 -28.42
C GLU C 91 -0.18 -5.87 -27.52
N TRP C 92 0.94 -6.28 -28.12
CA TRP C 92 2.13 -6.57 -27.34
C TRP C 92 2.68 -5.30 -26.69
N LEU C 93 2.66 -4.19 -27.42
CA LEU C 93 3.10 -2.91 -26.84
C LEU C 93 2.22 -2.52 -25.66
N SER C 94 0.90 -2.70 -25.79
CA SER C 94 0.02 -2.38 -24.68
C SER C 94 0.27 -3.30 -23.49
N LEU C 95 0.51 -4.59 -23.74
CA LEU C 95 0.75 -5.53 -22.66
C LEU C 95 2.06 -5.22 -21.93
N MET C 96 3.09 -4.84 -22.67
CA MET C 96 4.37 -4.53 -22.04
C MET C 96 4.40 -3.12 -21.47
N ASN C 97 3.46 -2.25 -21.84
CA ASN C 97 3.40 -0.93 -21.25
C ASN C 97 2.45 -0.83 -20.07
N ASP C 98 1.51 -1.78 -19.93
CA ASP C 98 0.73 -1.86 -18.71
C ASP C 98 1.36 -2.80 -17.69
N GLN C 99 2.39 -3.55 -18.08
CA GLN C 99 3.21 -4.31 -17.15
C GLN C 99 4.42 -3.51 -16.67
N SER C 100 4.86 -2.53 -17.45
CA SER C 100 5.98 -1.67 -17.07
C SER C 100 5.54 -0.46 -16.26
N VAL C 101 4.28 -0.39 -15.85
CA VAL C 101 3.83 0.63 -14.91
C VAL C 101 3.58 -0.08 -13.57
N ASP C 102 3.07 -1.31 -13.63
CA ASP C 102 2.97 -2.12 -12.43
C ASP C 102 4.34 -2.31 -11.80
N GLN C 103 5.34 -2.61 -12.63
CA GLN C 103 6.69 -2.81 -12.11
C GLN C 103 7.28 -1.50 -11.60
N LYS C 104 6.99 -0.39 -12.28
CA LYS C 104 7.50 0.90 -11.81
C LYS C 104 6.89 1.29 -10.47
N ALA C 105 5.63 0.94 -10.24
CA ALA C 105 5.01 1.22 -8.94
C ALA C 105 5.56 0.29 -7.86
N MET C 106 5.60 -1.02 -8.15
CA MET C 106 6.16 -1.98 -7.22
C MET C 106 7.60 -1.66 -6.87
N LEU C 107 8.37 -1.06 -7.78
CA LEU C 107 9.76 -0.74 -7.49
C LEU C 107 9.87 0.38 -6.46
N LEU C 108 9.09 1.45 -6.63
CA LEU C 108 9.09 2.52 -5.63
C LEU C 108 8.61 2.00 -4.29
N LEU C 109 7.55 1.18 -4.29
CA LEU C 109 7.05 0.60 -3.05
C LEU C 109 8.14 -0.21 -2.35
N GLN C 110 8.69 -1.20 -3.04
CA GLN C 110 9.70 -2.07 -2.46
C GLN C 110 11.03 -1.37 -2.25
N ASN C 111 11.22 -0.16 -2.73
CA ASN C 111 12.43 0.57 -2.41
C ASN C 111 12.27 1.40 -1.14
N ASN C 112 11.11 2.02 -0.95
CA ASN C 112 10.90 2.70 0.33
C ASN C 112 10.77 1.69 1.46
N ILE C 113 10.21 0.51 1.18
CA ILE C 113 10.17 -0.55 2.19
C ILE C 113 11.60 -0.95 2.58
N ASN C 114 12.50 -1.05 1.61
CA ASN C 114 13.86 -1.45 1.92
C ASN C 114 14.60 -0.36 2.67
N SER C 115 14.35 0.91 2.33
CA SER C 115 14.97 2.00 3.10
C SER C 115 14.51 1.97 4.56
N ASP C 116 13.21 1.77 4.77
CA ASP C 116 12.71 1.71 6.14
C ASP C 116 13.24 0.50 6.88
N LEU C 117 13.37 -0.65 6.19
CA LEU C 117 13.94 -1.82 6.84
C LEU C 117 15.42 -1.60 7.18
N LYS C 118 16.14 -0.86 6.35
CA LYS C 118 17.52 -0.53 6.66
C LYS C 118 17.62 0.33 7.91
N GLU C 119 16.75 1.34 8.02
CA GLU C 119 16.77 2.17 9.22
C GLU C 119 16.38 1.34 10.42
N LEU C 120 15.38 0.49 10.27
CA LEU C 120 14.96 -0.37 11.37
C LEU C 120 16.10 -1.26 11.84
N LEU C 121 16.90 -1.78 10.89
CA LEU C 121 18.05 -2.59 11.27
C LEU C 121 19.08 -1.78 12.01
N ARG C 122 19.33 -0.54 11.56
CA ARG C 122 20.26 0.34 12.28
C ARG C 122 19.80 0.57 13.72
N LYS C 123 18.52 0.90 13.88
CA LYS C 123 18.00 1.18 15.22
C LYS C 123 17.99 -0.08 16.09
N LEU C 124 17.73 -1.25 15.50
CA LEU C 124 17.75 -2.48 16.27
C LEU C 124 19.17 -2.84 16.71
N GLN C 125 20.16 -2.60 15.85
CA GLN C 125 21.55 -2.77 16.26
C GLN C 125 21.89 -1.85 17.43
N HIS C 126 21.43 -0.60 17.36
CA HIS C 126 21.67 0.32 18.46
C HIS C 126 21.02 -0.17 19.76
N GLN C 127 19.77 -0.62 19.67
CA GLN C 127 19.10 -1.13 20.86
C GLN C 127 19.77 -2.37 21.42
N MET C 128 20.32 -3.21 20.55
CA MET C 128 21.07 -4.37 21.03
C MET C 128 22.36 -3.95 21.73
N THR C 129 23.03 -2.94 21.20
CA THR C 129 24.25 -2.47 21.85
C THR C 129 23.95 -1.89 23.23
N ILE C 130 22.86 -1.12 23.35
CA ILE C 130 22.58 -0.47 24.63
C ILE C 130 21.69 -1.31 25.55
N MET C 131 21.25 -2.50 25.12
CA MET C 131 20.22 -3.20 25.87
C MET C 131 20.79 -4.20 26.87
N ASP C 132 21.63 -5.12 26.41
CA ASP C 132 21.94 -6.28 27.23
C ASP C 132 23.04 -6.02 28.26
N SER C 133 22.91 -4.94 29.03
CA SER C 133 23.80 -4.75 30.18
C SER C 133 23.03 -4.76 31.49
N LYS C 134 22.12 -3.81 31.73
CA LYS C 134 21.26 -3.88 32.91
C LYS C 134 19.88 -3.27 32.65
N LYS C 135 19.44 -3.22 31.40
CA LYS C 135 18.14 -2.65 31.10
C LYS C 135 17.04 -3.50 31.73
N GLN C 136 16.22 -2.88 32.59
CA GLN C 136 15.30 -3.60 33.45
C GLN C 136 14.15 -4.15 32.62
N ASP C 137 14.34 -5.36 32.09
CA ASP C 137 13.30 -6.07 31.36
C ASP C 137 12.65 -7.07 32.30
N HIS C 138 11.85 -6.53 33.21
CA HIS C 138 11.08 -7.33 34.19
C HIS C 138 9.63 -6.86 34.09
N ALA C 139 8.87 -7.46 33.19
CA ALA C 139 7.49 -7.06 32.96
C ALA C 139 6.59 -7.58 34.09
N HIS C 140 5.29 -7.40 33.91
CA HIS C 140 4.33 -7.76 34.95
C HIS C 140 3.35 -8.81 34.43
N ILE C 141 3.86 -9.85 33.78
CA ILE C 141 2.99 -10.89 33.23
C ILE C 141 2.27 -11.59 34.36
N ARG C 142 0.94 -11.50 34.37
CA ARG C 142 0.11 -12.13 35.38
C ARG C 142 -1.12 -12.71 34.72
N THR C 143 -1.64 -13.81 35.29
CA THR C 143 -2.89 -14.36 34.83
C THR C 143 -4.05 -13.47 35.29
N ARG C 144 -5.27 -13.87 34.91
CA ARG C 144 -6.44 -13.06 35.24
C ARG C 144 -6.67 -13.00 36.75
N LYS C 145 -6.53 -14.12 37.45
CA LYS C 145 -6.76 -14.13 38.88
C LYS C 145 -5.63 -13.47 39.66
N ALA C 146 -4.39 -13.63 39.22
CA ALA C 146 -3.28 -12.94 39.88
C ALA C 146 -3.38 -11.44 39.67
N ARG C 147 -3.81 -11.01 38.49
CA ARG C 147 -4.04 -9.59 38.25
C ARG C 147 -5.08 -9.05 39.22
N ASN C 148 -6.19 -9.77 39.38
CA ASN C 148 -7.23 -9.34 40.31
C ASN C 148 -6.72 -9.30 41.74
N LYS C 149 -5.92 -10.28 42.14
CA LYS C 149 -5.37 -10.30 43.48
C LYS C 149 -4.47 -9.09 43.72
N GLU C 150 -3.56 -8.82 42.78
CA GLU C 150 -2.70 -7.66 42.91
C GLU C 150 -3.48 -6.36 42.88
N LEU C 151 -4.60 -6.32 42.17
CA LEU C 151 -5.40 -5.09 42.15
C LEU C 151 -6.11 -4.88 43.48
N TRP C 152 -6.65 -5.94 44.08
CA TRP C 152 -7.23 -5.81 45.42
C TRP C 152 -6.17 -5.40 46.43
N ASP C 153 -4.97 -5.97 46.33
CA ASP C 153 -3.90 -5.59 47.24
C ASP C 153 -3.49 -4.13 47.04
N SER C 154 -3.45 -3.66 45.80
CA SER C 154 -3.10 -2.27 45.54
C SER C 154 -4.17 -1.33 46.05
N LEU C 155 -5.44 -1.71 45.90
CA LEU C 155 -6.53 -0.91 46.45
C LEU C 155 -6.42 -0.82 47.97
N ALA C 156 -6.18 -1.95 48.63
CA ALA C 156 -6.05 -1.96 50.08
C ALA C 156 -4.85 -1.12 50.53
N ASP C 157 -3.74 -1.21 49.81
CA ASP C 157 -2.56 -0.41 50.15
C ASP C 157 -2.82 1.07 49.93
N PHE C 158 -3.64 1.42 48.94
CA PHE C 158 -4.00 2.81 48.72
C PHE C 158 -4.89 3.32 49.84
N LEU C 159 -5.83 2.51 50.29
CA LEU C 159 -6.67 2.90 51.42
C LEU C 159 -5.86 2.93 52.72
N LYS C 160 -4.93 1.98 52.87
CA LYS C 160 -4.12 1.94 54.09
C LYS C 160 -3.10 3.08 54.13
N GLY C 161 -2.57 3.45 52.97
CA GLY C 161 -1.46 4.38 52.92
C GLY C 161 -1.85 5.84 52.82
N TYR C 162 -2.78 6.14 51.92
CA TYR C 162 -3.21 7.52 51.68
C TYR C 162 -4.68 7.85 52.01
N LEU C 163 -5.61 7.07 51.48
CA LEU C 163 -7.03 7.35 51.69
C LEU C 163 -7.56 7.30 53.12
N VAL C 164 -7.14 6.28 53.88
CA VAL C 164 -7.60 6.13 55.26
C VAL C 164 -7.02 7.12 56.28
N PRO C 165 -5.70 7.36 56.19
CA PRO C 165 -4.94 8.25 57.08
C PRO C 165 -5.27 9.73 56.92
N ASN C 166 -5.88 10.09 55.80
CA ASN C 166 -6.25 11.47 55.52
C ASN C 166 -7.74 11.71 55.69
N LEU C 167 -8.45 10.68 56.11
CA LEU C 167 -9.90 10.78 56.29
C LEU C 167 -10.27 10.84 57.75
N ASP C 168 -11.01 11.88 58.11
CA ASP C 168 -11.45 12.07 59.50
C ASP C 168 -10.40 11.56 60.49
N ASP C 169 -9.23 12.18 60.45
CA ASP C 169 -8.10 11.75 61.27
C ASP C 169 -8.04 12.56 62.57
N ASN C 170 -9.14 12.50 63.31
CA ASN C 170 -9.15 13.05 64.66
C ASN C 170 -8.24 12.23 65.58
N ASP C 171 -8.56 10.95 65.74
CA ASP C 171 -7.64 9.98 66.31
C ASP C 171 -7.50 8.85 65.30
N GLU C 172 -6.26 8.46 64.97
CA GLU C 172 -5.95 7.61 63.82
C GLU C 172 -6.84 6.36 63.87
N SER C 173 -6.70 5.47 64.85
CA SER C 173 -7.52 4.27 65.00
C SER C 173 -7.87 3.65 63.65
N ILE C 174 -6.86 3.51 62.80
CA ILE C 174 -7.10 3.26 61.38
C ILE C 174 -7.61 1.85 61.12
N ASP C 175 -7.29 0.89 61.99
CA ASP C 175 -7.64 -0.50 61.71
C ASP C 175 -9.13 -0.68 61.44
N SER C 176 -9.97 -0.28 62.40
CA SER C 176 -11.42 -0.38 62.19
C SER C 176 -11.87 0.54 61.07
N LEU C 177 -11.30 1.74 61.01
CA LEU C 177 -11.66 2.70 59.96
C LEU C 177 -11.30 2.15 58.59
N THR C 178 -10.08 1.62 58.44
CA THR C 178 -9.67 1.07 57.15
C THR C 178 -10.48 -0.16 56.79
N ASN C 179 -10.84 -1.00 57.76
CA ASN C 179 -11.69 -2.14 57.45
C ASN C 179 -13.07 -1.70 56.98
N GLU C 180 -13.63 -0.66 57.60
CA GLU C 180 -14.93 -0.16 57.15
C GLU C 180 -14.83 0.42 55.74
N VAL C 181 -13.76 1.17 55.46
CA VAL C 181 -13.59 1.76 54.13
C VAL C 181 -13.42 0.67 53.08
N MET C 182 -12.66 -0.38 53.42
CA MET C 182 -12.45 -1.47 52.48
C MET C 182 -13.73 -2.27 52.26
N LEU C 183 -14.55 -2.42 53.29
CA LEU C 183 -15.84 -3.08 53.11
C LEU C 183 -16.76 -2.25 52.23
N LEU C 184 -16.73 -0.92 52.39
CA LEU C 184 -17.49 -0.05 51.51
C LEU C 184 -17.04 -0.21 50.06
N MET C 185 -15.72 -0.21 49.84
CA MET C 185 -15.19 -0.37 48.49
C MET C 185 -15.59 -1.73 47.90
N LYS C 186 -15.56 -2.78 48.72
CA LYS C 186 -15.99 -4.09 48.26
C LYS C 186 -17.46 -4.08 47.85
N ARG C 187 -18.33 -3.49 48.67
CA ARG C 187 -19.74 -3.42 48.34
C ARG C 187 -19.98 -2.57 47.10
N LEU C 188 -19.12 -1.58 46.85
CA LEU C 188 -19.23 -0.79 45.63
C LEU C 188 -18.86 -1.61 44.40
N ILE C 189 -17.64 -2.18 44.41
CA ILE C 189 -17.13 -2.90 43.25
C ILE C 189 -18.01 -4.08 42.90
N GLU C 190 -18.57 -4.76 43.89
CA GLU C 190 -19.36 -5.96 43.66
C GLU C 190 -20.83 -5.67 43.40
N HIS C 191 -21.19 -4.39 43.20
CA HIS C 191 -22.55 -3.99 42.83
C HIS C 191 -23.57 -4.48 43.86
N ASP C 192 -23.46 -3.94 45.07
CA ASP C 192 -24.29 -4.40 46.18
C ASP C 192 -25.77 -4.25 45.88
N LEU C 193 -26.16 -3.23 45.10
CA LEU C 193 -27.54 -2.99 44.70
C LEU C 193 -28.43 -2.65 45.90
N ASN C 194 -27.83 -2.60 47.10
CA ASN C 194 -28.52 -2.20 48.31
C ASN C 194 -27.73 -1.22 49.14
N LEU C 195 -26.57 -0.78 48.68
CA LEU C 195 -25.77 0.19 49.41
C LEU C 195 -26.49 1.54 49.45
N THR C 196 -26.58 2.12 50.63
CA THR C 196 -27.25 3.40 50.82
C THR C 196 -26.28 4.40 51.45
N LEU C 197 -26.65 5.67 51.36
CA LEU C 197 -25.89 6.74 51.99
C LEU C 197 -25.82 6.59 53.51
N ASN C 198 -26.70 5.78 54.10
CA ASN C 198 -26.68 5.55 55.54
C ASN C 198 -25.57 4.60 55.98
N ASP C 199 -25.08 3.74 55.07
CA ASP C 199 -23.97 2.88 55.42
C ASP C 199 -22.65 3.64 55.51
N PHE C 200 -22.62 4.88 55.02
CA PHE C 200 -21.45 5.75 55.17
C PHE C 200 -21.55 6.44 56.52
N SER C 201 -20.77 5.96 57.49
CA SER C 201 -20.76 6.57 58.81
C SER C 201 -20.25 8.00 58.72
N SER C 202 -20.43 8.75 59.82
CA SER C 202 -19.96 10.12 59.89
C SER C 202 -18.44 10.16 59.88
N LYS C 203 -17.81 8.99 59.91
CA LYS C 203 -16.36 8.87 59.79
C LYS C 203 -15.94 8.67 58.33
N THR C 204 -16.65 7.80 57.61
CA THR C 204 -16.35 7.50 56.21
C THR C 204 -17.30 8.22 55.26
N ILE C 205 -17.82 9.38 55.64
CA ILE C 205 -18.66 10.16 54.75
C ILE C 205 -17.85 10.87 53.67
N PRO C 206 -16.59 11.30 53.90
CA PRO C 206 -15.83 11.85 52.77
C PRO C 206 -15.64 10.85 51.64
N ILE C 207 -15.77 9.55 51.90
CA ILE C 207 -15.78 8.57 50.82
C ILE C 207 -16.92 8.86 49.85
N TYR C 208 -18.10 9.15 50.40
CA TYR C 208 -19.25 9.44 49.54
C TYR C 208 -19.02 10.70 48.73
N ARG C 209 -18.44 11.74 49.36
CA ARG C 209 -18.19 12.97 48.62
C ARG C 209 -17.13 12.76 47.54
N LEU C 210 -16.15 11.90 47.78
CA LEU C 210 -15.14 11.61 46.76
C LEU C 210 -15.74 10.83 45.61
N LEU C 211 -16.59 9.84 45.92
CA LEU C 211 -17.28 9.09 44.87
C LEU C 211 -18.29 9.95 44.14
N LEU C 212 -18.77 11.03 44.75
CA LEU C 212 -19.76 11.89 44.12
C LEU C 212 -19.11 12.94 43.22
N ARG C 213 -18.07 13.61 43.72
CA ARG C 213 -17.40 14.64 42.93
C ARG C 213 -16.75 14.07 41.69
N ALA C 214 -16.37 12.79 41.72
CA ALA C 214 -15.76 12.16 40.56
C ALA C 214 -16.76 11.84 39.46
N ASN C 215 -18.03 12.18 39.64
CA ASN C 215 -19.09 11.84 38.68
C ASN C 215 -19.08 10.35 38.35
N ILE C 216 -18.80 9.55 39.36
CA ILE C 216 -18.54 8.12 39.17
C ILE C 216 -19.61 7.24 39.77
N ILE C 217 -20.55 7.77 40.54
CA ILE C 217 -21.65 7.00 41.09
C ILE C 217 -22.96 7.59 40.60
N THR C 218 -24.06 6.94 40.99
CA THR C 218 -25.41 7.42 40.73
C THR C 218 -26.20 7.25 42.02
N VAL C 219 -26.76 8.35 42.52
CA VAL C 219 -27.38 8.36 43.84
C VAL C 219 -28.90 8.44 43.70
N ILE C 220 -29.42 7.92 42.60
CA ILE C 220 -30.87 7.88 42.39
C ILE C 220 -31.52 7.07 43.50
N GLU C 221 -32.73 7.49 43.85
CA GLU C 221 -33.54 6.89 44.92
C GLU C 221 -33.97 5.47 44.60
N GLY C 222 -34.25 4.66 45.62
CA GLY C 222 -34.60 3.27 45.37
C GLY C 222 -35.91 3.10 44.64
N SER C 223 -36.73 4.16 44.60
CA SER C 223 -38.07 4.21 44.02
C SER C 223 -39.08 3.45 44.88
N THR C 224 -38.63 2.80 45.95
CA THR C 224 -39.51 2.13 46.90
C THR C 224 -39.60 2.87 48.23
N ASN C 225 -38.47 3.44 48.69
CA ASN C 225 -38.44 4.27 49.88
C ASN C 225 -37.89 5.63 49.51
N PRO C 226 -38.67 6.69 49.64
CA PRO C 226 -38.21 8.04 49.26
C PRO C 226 -37.24 8.67 50.25
N GLY C 227 -36.89 7.98 51.33
CA GLY C 227 -35.94 8.52 52.29
C GLY C 227 -34.51 8.15 51.96
N THR C 228 -34.29 6.89 51.61
CA THR C 228 -32.96 6.41 51.24
C THR C 228 -32.72 6.61 49.75
N LYS C 229 -31.44 6.69 49.39
CA LYS C 229 -31.01 6.83 48.00
C LYS C 229 -29.92 5.79 47.76
N TYR C 230 -30.19 4.84 46.87
CA TYR C 230 -29.27 3.73 46.64
C TYR C 230 -28.09 4.20 45.79
N ILE C 231 -26.89 4.04 46.31
CA ILE C 231 -25.66 4.38 45.61
C ILE C 231 -25.27 3.20 44.72
N LYS C 232 -24.81 3.51 43.51
CA LYS C 232 -24.43 2.49 42.55
C LYS C 232 -23.25 2.99 41.74
N LEU C 233 -22.28 2.11 41.51
CA LEU C 233 -21.11 2.49 40.73
C LEU C 233 -21.45 2.51 39.24
N ILE C 234 -20.88 3.48 38.52
CA ILE C 234 -21.06 3.57 37.08
C ILE C 234 -20.48 2.31 36.44
N ASP C 235 -21.16 1.78 35.45
CA ASP C 235 -20.72 0.53 34.90
C ASP C 235 -19.60 0.71 33.92
N PHE C 236 -18.39 0.50 34.42
CA PHE C 236 -17.20 0.55 33.58
C PHE C 236 -17.07 -0.65 32.66
N ASN C 237 -17.90 -1.67 32.84
CA ASN C 237 -17.80 -2.90 32.07
C ASN C 237 -18.76 -2.96 30.90
N GLU C 238 -19.91 -2.33 31.07
CA GLU C 238 -20.91 -2.37 30.03
C GLU C 238 -20.40 -1.64 28.81
N THR C 239 -20.48 -2.33 27.68
CA THR C 239 -20.09 -1.72 26.43
C THR C 239 -21.39 -1.76 25.65
N SER C 240 -21.95 -0.59 25.42
CA SER C 240 -23.20 -0.48 24.69
C SER C 240 -22.94 -0.04 23.25
N LEU C 241 -24.01 0.36 22.55
CA LEU C 241 -23.91 0.86 21.18
C LEU C 241 -22.71 1.78 20.99
N THR C 242 -22.51 2.71 21.92
CA THR C 242 -21.36 3.62 21.86
C THR C 242 -20.11 2.91 22.36
N SER D 18 -22.28 30.22 33.53
CA SER D 18 -21.61 29.56 34.64
C SER D 18 -22.10 30.11 35.98
N LEU D 19 -21.58 29.54 37.07
CA LEU D 19 -21.97 30.02 38.40
C LEU D 19 -21.15 31.24 38.79
N ASP D 20 -20.02 31.47 38.12
CA ASP D 20 -19.24 32.66 38.40
C ASP D 20 -19.99 33.92 37.99
N ALA D 21 -20.82 33.81 36.95
CA ALA D 21 -21.68 34.91 36.54
C ALA D 21 -22.62 35.29 37.67
N GLU D 22 -23.26 34.30 38.28
CA GLU D 22 -24.18 34.54 39.38
C GLU D 22 -23.48 35.01 40.65
N GLU D 23 -22.25 34.54 40.87
CA GLU D 23 -21.45 34.96 42.01
C GLU D 23 -21.12 36.44 41.87
N ASN D 24 -20.75 36.86 40.66
CA ASN D 24 -20.44 38.25 40.37
C ASN D 24 -21.69 39.13 40.35
N LYS D 25 -22.85 38.53 40.06
CA LYS D 25 -24.11 39.27 40.10
C LYS D 25 -24.65 39.33 41.52
N LEU D 26 -23.78 39.08 42.51
CA LEU D 26 -24.15 39.15 43.91
C LEU D 26 -23.61 40.39 44.62
N GLU D 27 -22.39 40.81 44.31
CA GLU D 27 -21.84 42.02 44.91
C GLU D 27 -22.30 43.29 44.19
N ASP D 28 -23.05 43.15 43.11
CA ASP D 28 -23.56 44.30 42.37
C ASP D 28 -25.07 44.38 42.49
N SER D 39 -9.66 37.17 49.67
CA SER D 39 -10.88 36.93 50.42
C SER D 39 -11.35 35.49 50.26
N SER D 40 -10.61 34.55 50.85
CA SER D 40 -10.95 33.15 50.72
C SER D 40 -12.32 32.84 51.32
N GLN D 41 -12.50 33.16 52.61
CA GLN D 41 -13.76 32.88 53.27
C GLN D 41 -14.90 33.67 52.64
N GLU D 42 -14.63 34.91 52.22
CA GLU D 42 -15.66 35.68 51.53
C GLU D 42 -15.97 35.07 50.17
N TYR D 43 -14.97 34.53 49.49
CA TYR D 43 -15.21 33.84 48.22
C TYR D 43 -16.11 32.62 48.43
N ASN D 44 -15.85 31.86 49.49
CA ASN D 44 -16.70 30.71 49.79
C ASN D 44 -18.12 31.13 50.12
N LYS D 45 -18.28 32.19 50.92
CA LYS D 45 -19.62 32.68 51.25
C LYS D 45 -20.34 33.17 50.00
N LYS D 46 -19.62 33.79 49.08
CA LYS D 46 -20.23 34.26 47.83
C LYS D 46 -20.66 33.09 46.96
N LEU D 47 -19.83 32.05 46.87
CA LEU D 47 -20.22 30.86 46.13
C LEU D 47 -21.46 30.22 46.75
N LEU D 48 -21.51 30.15 48.09
CA LEU D 48 -22.69 29.59 48.74
C LEU D 48 -23.92 30.44 48.44
N LEU D 49 -23.79 31.76 48.45
CA LEU D 49 -24.92 32.63 48.16
C LEU D 49 -25.39 32.47 46.72
N ALA D 50 -24.46 32.30 45.79
CA ALA D 50 -24.85 32.10 44.40
C ALA D 50 -25.57 30.76 44.22
N CYS D 51 -25.08 29.71 44.86
CA CYS D 51 -25.77 28.42 44.82
C CYS D 51 -27.16 28.53 45.45
N GLY D 52 -27.28 29.29 46.54
CA GLY D 52 -28.58 29.46 47.16
C GLY D 52 -29.55 30.20 46.28
N PHE D 53 -29.07 31.26 45.60
CA PHE D 53 -29.92 31.99 44.67
C PHE D 53 -30.37 31.09 43.53
N GLN D 54 -29.47 30.28 42.98
CA GLN D 54 -29.85 29.41 41.88
C GLN D 54 -30.85 28.35 42.35
N ALA D 55 -30.67 27.83 43.56
CA ALA D 55 -31.64 26.88 44.10
C ALA D 55 -32.99 27.53 44.31
N ILE D 56 -33.00 28.78 44.77
CA ILE D 56 -34.26 29.51 44.95
C ILE D 56 -34.96 29.69 43.62
N LEU D 57 -34.21 30.07 42.59
CA LEU D 57 -34.80 30.25 41.27
C LEU D 57 -35.35 28.93 40.72
N ARG D 58 -34.62 27.83 40.93
CA ARG D 58 -35.10 26.54 40.46
C ARG D 58 -36.35 26.11 41.21
N LYS D 59 -36.41 26.41 42.52
CA LYS D 59 -37.62 26.10 43.28
C LYS D 59 -38.80 26.93 42.80
N ILE D 60 -38.57 28.19 42.47
CA ILE D 60 -39.63 29.05 41.93
C ILE D 60 -40.14 28.49 40.61
N LEU D 61 -39.20 28.07 39.74
CA LEU D 61 -39.61 27.51 38.45
C LEU D 61 -40.34 26.18 38.61
N LEU D 62 -39.95 25.38 39.61
CA LEU D 62 -40.66 24.13 39.85
C LEU D 62 -42.07 24.39 40.40
N ASP D 63 -42.20 25.42 41.24
CA ASP D 63 -43.53 25.81 41.71
C ASP D 63 -44.39 26.30 40.54
N ALA D 64 -43.78 27.02 39.60
CA ALA D 64 -44.50 27.45 38.41
C ALA D 64 -44.92 26.26 37.56
N ARG D 65 -44.06 25.24 37.48
CA ARG D 65 -44.41 24.02 36.75
C ARG D 65 -45.58 23.29 37.41
N THR D 66 -45.57 23.22 38.74
CA THR D 66 -46.68 22.58 39.44
C THR D 66 -47.97 23.38 39.27
N ARG D 67 -47.83 24.70 39.25
CA ARG D 67 -48.96 25.59 39.03
C ARG D 67 -49.53 25.35 37.64
N ALA D 68 -48.65 25.14 36.67
CA ALA D 68 -49.07 24.90 35.28
C ALA D 68 -49.75 23.55 35.14
N THR D 69 -49.24 22.54 35.85
CA THR D 69 -49.94 21.25 35.89
C THR D 69 -51.31 21.39 36.55
N ALA D 70 -51.45 22.32 37.50
CA ALA D 70 -52.75 22.59 38.09
C ALA D 70 -53.73 23.10 37.05
N GLU D 71 -53.26 23.99 36.17
CA GLU D 71 -54.10 24.54 35.11
C GLU D 71 -53.81 23.85 33.78
N HIS D 80 -47.41 33.92 34.81
CA HIS D 80 -47.97 32.78 35.53
C HIS D 80 -47.04 32.35 36.67
N ILE D 81 -45.75 32.63 36.50
CA ILE D 81 -44.73 32.29 37.49
C ILE D 81 -45.00 33.04 38.78
N GLU D 82 -45.79 34.12 38.70
CA GLU D 82 -46.17 34.92 39.85
C GLU D 82 -46.84 34.13 40.95
N ALA D 83 -47.47 33.00 40.62
CA ALA D 83 -48.08 32.14 41.63
C ALA D 83 -47.01 31.53 42.53
N ALA D 84 -45.76 31.59 42.08
CA ALA D 84 -44.61 31.19 42.90
C ALA D 84 -43.96 32.37 43.61
N THR D 85 -43.92 33.54 42.97
CA THR D 85 -43.32 34.71 43.61
C THR D 85 -44.15 35.17 44.79
N GLN D 86 -45.48 35.20 44.65
CA GLN D 86 -46.33 35.58 45.76
C GLN D 86 -46.36 34.50 46.84
N ALA D 87 -46.16 33.24 46.45
CA ALA D 87 -46.10 32.16 47.44
C ALA D 87 -44.74 32.13 48.13
N PHE D 88 -43.75 32.82 47.58
CA PHE D 88 -42.41 32.80 48.13
C PHE D 88 -42.22 33.92 49.17
N LEU D 89 -43.32 34.35 49.78
CA LEU D 89 -43.23 35.37 50.82
C LEU D 89 -42.74 34.74 52.13
N ASP D 90 -41.53 34.20 52.10
CA ASP D 90 -40.96 33.52 53.26
C ASP D 90 -39.44 33.75 53.30
N GLN E 274 -28.81 39.98 32.22
CA GLN E 274 -29.49 38.77 32.67
C GLN E 274 -30.45 38.28 31.61
N ILE E 275 -29.92 37.68 30.55
CA ILE E 275 -30.75 37.15 29.47
C ILE E 275 -30.30 35.78 28.97
N MET E 276 -29.12 35.73 28.36
CA MET E 276 -28.61 34.46 27.84
C MET E 276 -27.97 33.62 28.94
N ASP E 277 -27.24 34.27 29.84
CA ASP E 277 -26.70 33.56 30.99
C ASP E 277 -27.82 32.95 31.83
N LEU E 278 -28.95 33.65 31.93
CA LEU E 278 -30.09 33.13 32.66
C LEU E 278 -30.71 31.93 31.92
N LYS E 279 -30.70 32.00 30.60
CA LYS E 279 -31.20 30.90 29.78
C LYS E 279 -30.31 29.65 29.95
N HIS E 280 -28.99 29.87 30.00
CA HIS E 280 -27.98 28.82 30.16
C HIS E 280 -27.90 28.12 31.51
N LEU E 281 -28.01 28.89 32.59
CA LEU E 281 -27.89 28.34 33.93
C LEU E 281 -28.95 27.30 34.27
N THR E 282 -30.17 27.53 33.80
CA THR E 282 -31.27 26.64 34.11
C THR E 282 -31.59 25.65 32.99
N ARG E 283 -30.66 25.41 32.06
CA ARG E 283 -30.96 24.50 30.97
C ARG E 283 -31.15 23.08 31.47
N GLN E 284 -30.31 22.64 32.41
CA GLN E 284 -30.44 21.30 32.97
C GLN E 284 -31.74 21.13 33.74
N PHE E 285 -32.19 22.19 34.41
CA PHE E 285 -33.42 22.11 35.18
C PHE E 285 -34.64 22.15 34.26
N LEU E 286 -34.58 22.92 33.18
CA LEU E 286 -35.73 23.09 32.30
C LEU E 286 -35.90 21.91 31.36
N ASN E 287 -34.81 21.43 30.77
CA ASN E 287 -34.92 20.42 29.72
C ASN E 287 -35.46 19.09 30.23
N GLU E 288 -35.81 19.00 31.51
CA GLU E 288 -36.25 17.74 32.10
C GLU E 288 -37.76 17.71 32.37
N ASN E 289 -38.42 18.85 32.54
CA ASN E 289 -39.84 18.85 32.85
C ASN E 289 -40.67 19.45 31.72
N ARG E 290 -40.41 20.70 31.37
CA ARG E 290 -41.07 21.40 30.27
C ARG E 290 -40.07 22.39 29.69
N ILE E 291 -40.29 22.77 28.43
CA ILE E 291 -39.25 23.53 27.74
C ILE E 291 -39.25 24.99 28.21
N ILE E 292 -40.21 25.75 27.70
CA ILE E 292 -40.36 27.16 28.06
C ILE E 292 -41.74 27.75 27.72
N LEU E 293 -42.08 28.84 28.41
CA LEU E 293 -43.28 29.63 28.20
C LEU E 293 -42.59 30.98 28.16
N PRO E 294 -41.97 31.29 27.01
CA PRO E 294 -41.08 32.48 26.97
C PRO E 294 -41.80 33.76 26.54
N LYS E 295 -42.79 34.17 27.33
CA LYS E 295 -43.55 35.40 27.02
C LYS E 295 -43.62 36.24 28.29
N GLN E 296 -42.83 37.32 28.33
CA GLN E 296 -42.83 38.30 29.41
C GLN E 296 -42.28 37.70 30.70
N THR E 297 -41.95 36.41 30.68
CA THR E 297 -41.48 35.75 31.89
C THR E 297 -40.09 36.22 32.27
N TRP E 298 -39.17 36.29 31.30
CA TRP E 298 -37.77 36.55 31.60
C TRP E 298 -37.57 37.89 32.30
N SER E 299 -38.29 38.93 31.88
CA SER E 299 -38.21 40.21 32.58
C SER E 299 -38.82 40.10 33.96
N THR E 300 -39.97 39.42 34.08
CA THR E 300 -40.50 39.08 35.38
C THR E 300 -39.55 38.19 36.16
N ILE E 301 -38.74 37.39 35.48
CA ILE E 301 -37.69 36.63 36.14
C ILE E 301 -36.52 37.52 36.54
N GLN E 302 -36.25 38.58 35.76
CA GLN E 302 -35.12 39.45 36.09
C GLN E 302 -35.43 40.34 37.29
N GLU E 303 -36.65 40.86 37.38
CA GLU E 303 -37.03 41.61 38.58
C GLU E 303 -37.01 40.72 39.81
N GLU E 304 -37.38 39.45 39.64
CA GLU E 304 -37.30 38.51 40.75
C GLU E 304 -35.86 38.23 41.13
N SER E 305 -34.96 38.12 40.14
CA SER E 305 -33.54 37.98 40.44
C SER E 305 -33.05 39.16 41.25
N LEU E 306 -33.42 40.38 40.84
CA LEU E 306 -33.03 41.58 41.58
C LEU E 306 -33.50 41.53 43.03
N ASN E 307 -34.81 41.30 43.22
CA ASN E 307 -35.34 41.37 44.58
C ASN E 307 -34.84 40.21 45.45
N ILE E 308 -34.61 39.03 44.85
CA ILE E 308 -34.09 37.91 45.62
C ILE E 308 -32.64 38.16 46.02
N MET E 309 -31.85 38.77 45.13
CA MET E 309 -30.48 39.13 45.50
C MET E 309 -30.47 40.15 46.63
N ASP E 310 -31.35 41.15 46.54
CA ASP E 310 -31.44 42.13 47.61
C ASP E 310 -31.87 41.49 48.92
N PHE E 311 -32.80 40.54 48.85
CA PHE E 311 -33.26 39.86 50.06
C PHE E 311 -32.15 39.01 50.67
N LEU E 312 -31.38 38.32 49.83
CA LEU E 312 -30.27 37.52 50.34
C LEU E 312 -29.21 38.40 50.99
N LYS E 313 -28.91 39.56 50.38
CA LYS E 313 -27.96 40.48 51.01
C LYS E 313 -28.49 41.01 52.33
N GLN E 314 -29.79 41.32 52.38
CA GLN E 314 -30.42 41.71 53.65
C GLN E 314 -30.27 40.63 54.70
N LYS E 315 -30.48 39.37 54.32
CA LYS E 315 -30.43 38.29 55.28
C LYS E 315 -29.01 38.05 55.78
N ILE E 316 -28.02 38.16 54.90
CA ILE E 316 -26.64 37.96 55.33
C ILE E 316 -26.14 39.16 56.12
N GLY E 317 -26.76 40.33 55.94
CA GLY E 317 -26.39 41.50 56.71
C GLY E 317 -26.80 41.41 58.17
N GLN E 322 -20.17 26.73 59.82
CA GLN E 322 -20.51 28.10 59.48
C GLN E 322 -22.00 28.36 59.68
N GLU E 323 -22.32 29.44 60.39
CA GLU E 323 -23.71 29.77 60.68
C GLU E 323 -24.47 30.02 59.37
N LEU E 324 -23.82 30.74 58.46
CA LEU E 324 -24.40 30.98 57.14
C LEU E 324 -25.25 29.82 56.66
N VAL E 325 -24.83 28.59 56.93
CA VAL E 325 -25.61 27.43 56.51
C VAL E 325 -26.94 27.38 57.25
N ASP E 326 -26.98 27.85 58.50
CA ASP E 326 -28.24 27.86 59.23
C ASP E 326 -29.21 28.88 58.65
N SER E 327 -28.71 30.09 58.35
CA SER E 327 -29.54 31.09 57.68
C SER E 327 -30.01 30.58 56.33
N PHE E 328 -29.18 29.78 55.65
CA PHE E 328 -29.62 29.13 54.42
C PHE E 328 -30.77 28.18 54.69
N ILE E 329 -30.55 27.21 55.59
CA ILE E 329 -31.57 26.23 55.97
C ILE E 329 -32.90 26.90 56.30
N ASP E 330 -32.84 28.10 56.90
CA ASP E 330 -34.08 28.79 57.29
C ASP E 330 -35.01 28.98 56.10
N MET E 331 -34.46 29.20 54.90
CA MET E 331 -35.27 29.36 53.70
C MET E 331 -35.22 28.16 52.77
N GLY E 332 -34.03 27.67 52.42
CA GLY E 332 -33.88 26.48 51.60
C GLY E 332 -34.25 25.23 52.36
N ILE E 333 -35.04 24.36 51.73
CA ILE E 333 -35.57 23.16 52.34
C ILE E 333 -34.46 22.12 52.53
N ILE E 334 -33.23 22.47 52.17
CA ILE E 334 -32.09 21.57 52.26
C ILE E 334 -31.98 20.85 53.60
N ASN E 335 -32.27 21.55 54.70
CA ASN E 335 -32.42 21.05 56.07
C ASN E 335 -31.09 20.67 56.72
N ASN E 336 -29.97 20.68 56.01
CA ASN E 336 -28.69 20.25 56.59
C ASN E 336 -27.57 20.69 55.66
N VAL E 337 -26.35 20.25 55.95
CA VAL E 337 -25.19 20.62 55.16
C VAL E 337 -24.89 19.61 54.05
N ASP E 338 -25.34 18.36 54.21
CA ASP E 338 -25.16 17.39 53.13
C ASP E 338 -25.95 17.80 51.90
N ASP E 339 -27.15 18.33 52.08
CA ASP E 339 -27.91 18.83 50.94
C ASP E 339 -27.27 20.09 50.35
N MET E 340 -26.64 20.91 51.20
CA MET E 340 -25.91 22.05 50.66
C MET E 340 -24.74 21.61 49.79
N PHE E 341 -24.02 20.57 50.23
CA PHE E 341 -22.94 20.04 49.40
C PHE E 341 -23.48 19.40 48.13
N GLU E 342 -24.65 18.76 48.19
CA GLU E 342 -25.26 18.23 46.98
C GLU E 342 -25.59 19.35 45.99
N LEU E 343 -26.17 20.44 46.49
CA LEU E 343 -26.43 21.61 45.66
C LEU E 343 -25.14 22.15 45.05
N ALA E 344 -24.09 22.25 45.87
CA ALA E 344 -22.80 22.69 45.36
C ALA E 344 -22.28 21.77 44.27
N HIS E 345 -22.35 20.46 44.48
CA HIS E 345 -21.94 19.50 43.46
C HIS E 345 -22.72 19.65 42.17
N GLU E 346 -24.01 20.00 42.27
CA GLU E 346 -24.84 20.13 41.08
C GLU E 346 -24.72 21.49 40.40
N LEU E 347 -24.22 22.51 41.09
CA LEU E 347 -24.19 23.85 40.52
C LEU E 347 -22.79 24.36 40.20
N LEU E 348 -21.80 24.09 41.05
CA LEU E 348 -20.44 24.55 40.84
C LEU E 348 -19.68 23.56 39.96
N PRO E 349 -18.52 23.94 39.45
CA PRO E 349 -17.66 22.97 38.76
C PRO E 349 -16.88 22.11 39.75
N LEU E 350 -16.04 21.21 39.24
CA LEU E 350 -15.35 20.27 40.12
C LEU E 350 -14.29 20.96 40.98
N GLU E 351 -13.57 21.94 40.42
CA GLU E 351 -12.53 22.59 41.21
C GLU E 351 -13.10 23.50 42.29
N LEU E 352 -14.39 23.82 42.24
CA LEU E 352 -15.04 24.53 43.32
C LEU E 352 -15.82 23.61 44.24
N GLN E 353 -16.22 22.44 43.76
CA GLN E 353 -16.93 21.50 44.61
C GLN E 353 -15.98 21.10 45.74
N SER E 354 -14.73 20.85 45.38
CA SER E 354 -13.71 20.47 46.36
C SER E 354 -13.48 21.60 47.36
N ARG E 355 -13.46 22.83 46.85
CA ARG E 355 -13.23 24.01 47.67
C ARG E 355 -14.35 24.20 48.69
N ILE E 356 -15.57 23.94 48.26
CA ILE E 356 -16.76 24.10 49.11
C ILE E 356 -16.84 22.97 50.13
N GLU E 357 -16.41 21.76 49.76
CA GLU E 357 -16.38 20.66 50.70
C GLU E 357 -15.38 20.91 51.82
N SER E 358 -14.18 21.38 51.48
CA SER E 358 -13.14 21.66 52.47
C SER E 358 -13.44 22.90 53.30
N TYR E 359 -14.61 23.48 53.15
CA TYR E 359 -15.07 24.62 53.93
C TYR E 359 -16.33 24.32 54.71
N LEU E 360 -17.24 23.53 54.13
CA LEU E 360 -18.44 23.10 54.86
C LEU E 360 -18.13 21.96 55.81
N PHE E 361 -17.13 21.15 55.51
CA PHE E 361 -16.82 19.99 56.34
C PHE E 361 -15.33 19.96 56.71
#